data_5BOE
#
_entry.id   5BOE
#
_cell.length_a   145.154
_cell.length_b   145.154
_cell.length_c   100.512
_cell.angle_alpha   90.00
_cell.angle_beta   90.00
_cell.angle_gamma   90.00
#
_symmetry.space_group_name_H-M   'I 4'
#
loop_
_entity.id
_entity.type
_entity.pdbx_description
1 polymer Enolase
2 non-polymer PHOSPHOENOLPYRUVATE
3 non-polymer 'MAGNESIUM ION'
4 non-polymer GLYCEROL
5 water water
#
_entity_poly.entity_id   1
_entity_poly.type   'polypeptide(L)'
_entity_poly.pdbx_seq_one_letter_code
;MPIITDVYAREVLDSRGNPTVEVEVLTESGAFGRALVPSGASTGEHEAVELRDGDKSRYLGKGVTKAVENVNEIIAPEII
EGEFSVLDQVSIDKMMIALDGTPNKGKLGANAILGVSIAVARAAADLLGQPLYKYLGGFNGKQLPVPMMNIVNGGSHSDA
PIAFQEFMILPVGATTFKESLRWGTEIFHNLKSILSKRGLETAVGDEGGFAPKFEGTEDAVETIIQAIEAAGYKPGEEVF
LGFDCASSEFYENGVYDYSKFEGEHGAKRTAAEQVDYLEQLVDKYPIITIEDGMDENDWDGWKQLTERIGDRVQLVGDDL
FVTNTEILAKGIENGIGNSILIKVNQIGTLTETFDAIEMAQKAGYTAVVSHRSGETEDTTIADIAVATNAGQIKTGSLSR
TDRIAKYNQLLRIEDELFETAKYDGIKSFYNLDKLEHHHHHH
;
_entity_poly.pdbx_strand_id   A,B
#
# COMPACT_ATOMS: atom_id res chain seq x y z
N MET A 1 -29.51 12.94 -11.39
CA MET A 1 -29.54 14.40 -11.07
C MET A 1 -28.13 14.90 -10.76
N PRO A 2 -27.56 15.66 -11.71
CA PRO A 2 -26.13 15.85 -11.72
C PRO A 2 -25.59 17.03 -10.90
N ILE A 3 -26.46 17.88 -10.35
CA ILE A 3 -25.95 19.02 -9.59
C ILE A 3 -25.20 18.56 -8.34
N ILE A 4 -24.04 19.14 -8.12
CA ILE A 4 -23.22 18.79 -6.95
C ILE A 4 -23.87 19.38 -5.70
N THR A 5 -24.15 18.52 -4.73
CA THR A 5 -24.80 18.93 -3.48
C THR A 5 -23.90 18.88 -2.25
N ASP A 6 -22.76 18.20 -2.35
CA ASP A 6 -21.81 18.15 -1.25
C ASP A 6 -20.39 17.99 -1.76
N VAL A 7 -19.48 18.71 -1.13
CA VAL A 7 -18.04 18.62 -1.39
C VAL A 7 -17.40 18.65 0.00
N TYR A 8 -16.66 17.61 0.37
CA TYR A 8 -16.19 17.44 1.73
C TYR A 8 -14.76 16.91 1.74
N ALA A 9 -13.90 17.59 2.49
CA ALA A 9 -12.50 17.17 2.61
C ALA A 9 -12.17 16.73 4.03
N ARG A 10 -11.24 15.78 4.12
CA ARG A 10 -10.67 15.35 5.37
C ARG A 10 -9.17 15.07 5.23
N GLU A 11 -8.48 15.12 6.36
CA GLU A 11 -7.06 14.82 6.44
C GLU A 11 -6.87 13.32 6.69
N VAL A 12 -6.18 12.66 5.78
CA VAL A 12 -5.85 11.23 5.88
C VAL A 12 -4.35 11.07 5.74
N LEU A 13 -3.85 9.85 5.65
CA LEU A 13 -2.42 9.61 5.53
C LEU A 13 -2.02 8.98 4.20
N ASP A 14 -0.85 9.37 3.71
CA ASP A 14 -0.25 8.75 2.55
C ASP A 14 0.63 7.58 2.91
N SER A 15 1.26 7.00 1.89
CA SER A 15 1.99 5.74 2.03
C SER A 15 3.30 5.87 2.78
N ARG A 16 3.71 7.11 3.03
CA ARG A 16 4.92 7.36 3.83
C ARG A 16 4.57 7.77 5.25
N GLY A 17 3.29 7.77 5.59
CA GLY A 17 2.85 8.20 6.92
C GLY A 17 2.86 9.71 7.08
N ASN A 18 2.61 10.42 5.99
CA ASN A 18 2.44 11.90 6.02
C ASN A 18 1.01 12.29 5.66
N PRO A 19 0.47 13.34 6.29
CA PRO A 19 -0.89 13.76 5.98
C PRO A 19 -1.10 14.13 4.53
N THR A 20 -2.29 13.83 4.02
CA THR A 20 -2.72 14.34 2.73
C THR A 20 -4.22 14.57 2.70
N VAL A 21 -4.65 15.18 1.61
CA VAL A 21 -6.04 15.57 1.41
C VAL A 21 -6.85 14.42 0.77
N GLU A 22 -8.02 14.17 1.34
CA GLU A 22 -9.06 13.37 0.72
C GLU A 22 -10.30 14.22 0.49
N VAL A 23 -10.94 14.09 -0.68
CA VAL A 23 -12.18 14.80 -0.97
C VAL A 23 -13.25 13.84 -1.45
N GLU A 24 -14.47 14.07 -0.99
CA GLU A 24 -15.64 13.33 -1.45
C GLU A 24 -16.65 14.31 -2.04
N VAL A 25 -17.24 13.91 -3.17
CA VAL A 25 -18.23 14.69 -3.87
C VAL A 25 -19.50 13.85 -4.00
N LEU A 26 -20.65 14.48 -3.72
CA LEU A 26 -21.97 13.88 -3.94
C LEU A 26 -22.83 14.74 -4.84
N THR A 27 -23.68 14.07 -5.62
CA THR A 27 -24.69 14.77 -6.38
C THR A 27 -26.03 14.58 -5.73
N GLU A 28 -26.99 15.34 -6.25
CA GLU A 28 -28.36 15.30 -5.81
C GLU A 28 -28.91 13.88 -5.83
N SER A 29 -28.58 13.11 -6.87
CA SER A 29 -29.02 11.72 -6.98
C SER A 29 -28.23 10.69 -6.18
N GLY A 30 -27.17 11.13 -5.51
CA GLY A 30 -26.34 10.22 -4.72
C GLY A 30 -25.10 9.68 -5.40
N ALA A 31 -24.81 10.14 -6.60
CA ALA A 31 -23.56 9.73 -7.25
C ALA A 31 -22.43 10.23 -6.37
N PHE A 32 -21.34 9.47 -6.32
CA PHE A 32 -20.28 9.66 -5.34
C PHE A 32 -18.93 9.49 -5.98
N GLY A 33 -18.00 10.36 -5.61
CA GLY A 33 -16.60 10.18 -5.95
C GLY A 33 -15.72 10.53 -4.75
N ARG A 34 -14.63 9.79 -4.59
CA ARG A 34 -13.62 10.06 -3.57
C ARG A 34 -12.27 10.12 -4.25
N ALA A 35 -11.47 11.11 -3.87
CA ALA A 35 -10.12 11.26 -4.36
C ALA A 35 -9.18 11.42 -3.21
N LEU A 36 -7.98 10.87 -3.35
CA LEU A 36 -6.88 11.16 -2.41
C LEU A 36 -5.71 11.72 -3.20
N VAL A 37 -5.01 12.70 -2.62
CA VAL A 37 -3.94 13.41 -3.31
C VAL A 37 -2.57 12.87 -2.93
N PRO A 38 -1.71 12.59 -3.94
CA PRO A 38 -0.36 12.12 -3.62
C PRO A 38 0.54 13.27 -3.24
N SER A 39 1.78 12.94 -2.91
N SER A 39 1.74 12.90 -2.76
CA SER A 39 2.76 13.97 -2.56
CA SER A 39 2.64 13.86 -2.14
C SER A 39 4.18 13.57 -2.89
C SER A 39 3.07 14.82 -3.22
N GLY A 40 4.92 14.47 -3.51
N GLY A 40 3.49 16.02 -2.83
CA GLY A 40 6.29 14.16 -3.90
CA GLY A 40 3.92 17.02 -3.81
C GLY A 40 7.30 14.28 -2.81
C GLY A 40 5.09 17.81 -3.29
N ALA A 41 8.37 13.49 -2.97
N ALA A 41 5.07 19.10 -3.62
CA ALA A 41 9.51 13.45 -2.07
CA ALA A 41 6.11 20.03 -3.21
C ALA A 41 10.33 14.71 -2.18
C ALA A 41 5.44 21.33 -2.80
N SER A 42 10.54 15.11 -3.42
N SER A 42 5.89 21.87 -1.67
CA SER A 42 11.18 16.38 -3.73
CA SER A 42 5.32 23.10 -1.13
C SER A 42 10.34 17.01 -4.83
C SER A 42 6.07 24.33 -1.65
N THR A 43 10.37 18.33 -4.93
N THR A 43 7.18 24.08 -2.36
CA THR A 43 9.58 19.03 -5.93
CA THR A 43 7.94 25.13 -3.05
C THR A 43 10.42 19.82 -6.93
C THR A 43 8.28 24.66 -4.48
N GLY A 44 10.12 19.67 -8.22
N GLY A 44 8.45 25.61 -5.40
CA GLY A 44 10.70 20.57 -9.19
CA GLY A 44 8.08 25.30 -6.78
C GLY A 44 10.11 21.94 -8.89
C GLY A 44 8.77 25.78 -8.06
N GLU A 45 10.71 23.04 -9.35
N GLU A 45 9.37 26.95 -7.96
CA GLU A 45 10.02 24.33 -9.16
CA GLU A 45 9.01 28.06 -8.86
C GLU A 45 9.32 24.72 -10.49
C GLU A 45 8.16 27.78 -10.11
N HIS A 46 8.56 25.82 -10.53
N HIS A 46 8.19 26.60 -10.71
CA HIS A 46 7.63 26.14 -11.68
CA HIS A 46 7.34 26.37 -11.89
C HIS A 46 6.39 25.26 -11.69
C HIS A 46 6.26 25.29 -11.72
N GLU A 47 6.05 24.86 -10.49
CA GLU A 47 5.15 23.77 -10.20
C GLU A 47 3.99 24.29 -9.37
N ALA A 48 2.90 23.54 -9.33
N ALA A 48 2.90 23.53 -9.31
CA ALA A 48 1.78 23.90 -8.47
CA ALA A 48 1.80 23.90 -8.43
C ALA A 48 2.19 23.50 -7.09
C ALA A 48 2.19 23.52 -7.01
N VAL A 49 1.83 24.27 -6.08
N VAL A 49 1.83 24.33 -6.03
CA VAL A 49 2.38 23.91 -4.80
CA VAL A 49 2.33 24.15 -4.65
C VAL A 49 1.34 23.36 -3.83
C VAL A 49 1.33 23.40 -3.80
N GLU A 50 1.78 22.37 -3.07
CA GLU A 50 0.93 21.76 -2.09
C GLU A 50 1.02 22.66 -0.86
N LEU A 51 -0.09 22.82 -0.19
CA LEU A 51 -0.13 23.58 1.03
C LEU A 51 -0.02 22.68 2.25
N ARG A 52 0.98 22.97 3.10
CA ARG A 52 1.18 22.27 4.36
C ARG A 52 1.01 23.28 5.49
N ASP A 53 0.74 22.78 6.68
CA ASP A 53 0.36 23.66 7.79
C ASP A 53 1.54 24.34 8.45
N GLY A 54 2.64 23.61 8.57
CA GLY A 54 3.84 24.10 9.26
C GLY A 54 3.68 24.20 10.77
N ASP A 55 2.66 23.54 11.33
CA ASP A 55 2.45 23.48 12.78
C ASP A 55 3.33 22.34 13.32
N LYS A 56 4.46 22.69 13.92
CA LYS A 56 5.39 21.66 14.37
C LYS A 56 4.85 20.81 15.55
N SER A 57 3.75 21.23 16.16
CA SER A 57 3.06 20.39 17.17
C SER A 57 2.23 19.24 16.60
N ARG A 58 2.04 19.21 15.28
CA ARG A 58 1.30 18.11 14.62
C ARG A 58 2.04 17.59 13.42
N TYR A 59 2.30 16.29 13.40
CA TYR A 59 2.86 15.65 12.22
C TYR A 59 4.13 16.34 11.72
N LEU A 60 4.91 16.86 12.65
CA LEU A 60 6.19 17.49 12.31
C LEU A 60 6.01 18.62 11.30
N GLY A 61 4.89 19.33 11.38
CA GLY A 61 4.61 20.44 10.48
C GLY A 61 4.00 20.06 9.14
N LYS A 62 3.66 18.78 8.96
CA LYS A 62 3.20 18.30 7.65
C LYS A 62 1.68 18.12 7.57
N GLY A 63 0.95 18.62 8.56
CA GLY A 63 -0.51 18.60 8.51
C GLY A 63 -1.05 19.30 7.29
N VAL A 64 -2.24 18.88 6.86
CA VAL A 64 -2.92 19.55 5.75
C VAL A 64 -4.29 20.11 6.14
N THR A 65 -4.44 20.52 7.39
CA THR A 65 -5.70 21.07 7.85
C THR A 65 -6.10 22.35 7.10
N LYS A 66 -5.13 23.17 6.71
CA LYS A 66 -5.45 24.38 5.96
C LYS A 66 -6.04 24.08 4.60
N ALA A 67 -5.40 23.17 3.88
CA ALA A 67 -5.91 22.76 2.56
C ALA A 67 -7.31 22.16 2.70
N VAL A 68 -7.50 21.31 3.69
CA VAL A 68 -8.82 20.72 3.99
C VAL A 68 -9.87 21.80 4.26
N GLU A 69 -9.49 22.79 5.08
CA GLU A 69 -10.36 23.93 5.39
C GLU A 69 -10.69 24.73 4.12
N ASN A 70 -9.70 24.91 3.28
CA ASN A 70 -9.89 25.61 2.01
C ASN A 70 -10.93 24.90 1.13
N VAL A 71 -10.90 23.57 1.12
CA VAL A 71 -11.97 22.85 0.41
C VAL A 71 -13.32 23.08 1.08
N ASN A 72 -13.39 22.85 2.40
CA ASN A 72 -14.65 22.85 3.09
C ASN A 72 -15.29 24.24 3.19
N GLU A 73 -14.45 25.27 3.33
N GLU A 73 -14.45 25.27 3.33
CA GLU A 73 -14.94 26.63 3.63
CA GLU A 73 -14.94 26.62 3.63
C GLU A 73 -14.89 27.60 2.46
C GLU A 73 -14.89 27.60 2.46
N ILE A 74 -14.11 27.28 1.44
CA ILE A 74 -13.95 28.18 0.29
C ILE A 74 -14.42 27.54 -1.01
N ILE A 75 -13.83 26.41 -1.37
CA ILE A 75 -14.20 25.78 -2.65
C ILE A 75 -15.59 25.20 -2.63
N ALA A 76 -15.92 24.44 -1.59
CA ALA A 76 -17.22 23.78 -1.51
C ALA A 76 -18.40 24.75 -1.63
N PRO A 77 -18.41 25.85 -0.86
CA PRO A 77 -19.58 26.72 -1.04
C PRO A 77 -19.67 27.38 -2.41
N GLU A 78 -18.53 27.63 -3.03
CA GLU A 78 -18.54 28.19 -4.38
C GLU A 78 -19.20 27.19 -5.36
N ILE A 79 -18.83 25.92 -5.24
CA ILE A 79 -19.45 24.89 -6.09
C ILE A 79 -20.93 24.72 -5.82
N ILE A 80 -21.29 24.62 -4.54
CA ILE A 80 -22.66 24.30 -4.17
C ILE A 80 -23.58 25.49 -4.47
N GLU A 81 -23.15 26.68 -4.12
CA GLU A 81 -23.95 27.88 -4.43
C GLU A 81 -24.04 28.11 -5.93
N GLY A 82 -22.98 27.75 -6.65
CA GLY A 82 -22.95 27.88 -8.11
C GLY A 82 -23.82 26.90 -8.88
N GLU A 83 -24.33 25.88 -8.18
CA GLU A 83 -25.14 24.82 -8.78
C GLU A 83 -24.45 24.23 -10.01
N PHE A 84 -23.18 23.90 -9.84
CA PHE A 84 -22.43 23.24 -10.92
C PHE A 84 -22.88 21.80 -11.12
N SER A 85 -23.03 21.41 -12.38
CA SER A 85 -23.22 20.00 -12.74
C SER A 85 -21.90 19.27 -12.57
N VAL A 86 -21.98 18.07 -12.03
CA VAL A 86 -20.82 17.23 -11.82
C VAL A 86 -20.14 16.88 -13.17
N LEU A 87 -20.89 16.99 -14.25
CA LEU A 87 -20.36 16.73 -15.58
C LEU A 87 -19.51 17.87 -16.14
N ASP A 88 -19.58 19.03 -15.52
CA ASP A 88 -18.92 20.22 -16.08
C ASP A 88 -17.49 20.38 -15.55
N GLN A 89 -16.67 19.38 -15.84
CA GLN A 89 -15.33 19.29 -15.31
C GLN A 89 -14.46 20.50 -15.64
N VAL A 90 -14.46 20.92 -16.91
CA VAL A 90 -13.58 22.01 -17.27
C VAL A 90 -14.04 23.31 -16.60
N SER A 91 -15.34 23.52 -16.53
N SER A 91 -15.34 23.52 -16.53
CA SER A 91 -15.89 24.70 -15.85
CA SER A 91 -15.88 24.71 -15.87
C SER A 91 -15.47 24.75 -14.38
C SER A 91 -15.48 24.76 -14.39
N ILE A 92 -15.54 23.62 -13.72
CA ILE A 92 -15.21 23.55 -12.30
C ILE A 92 -13.71 23.75 -12.09
N ASP A 93 -12.90 23.13 -12.94
CA ASP A 93 -11.45 23.30 -12.86
C ASP A 93 -11.06 24.76 -13.12
N LYS A 94 -11.65 25.38 -14.13
CA LYS A 94 -11.36 26.80 -14.42
C LYS A 94 -11.81 27.70 -13.26
N MET A 95 -12.96 27.38 -12.67
CA MET A 95 -13.46 28.16 -11.53
C MET A 95 -12.47 28.11 -10.36
N MET A 96 -11.96 26.92 -10.05
CA MET A 96 -11.01 26.81 -8.95
C MET A 96 -9.71 27.55 -9.21
N ILE A 97 -9.23 27.48 -10.46
CA ILE A 97 -8.00 28.17 -10.85
C ILE A 97 -8.19 29.67 -10.62
N ALA A 98 -9.34 30.18 -11.02
CA ALA A 98 -9.63 31.62 -10.86
C ALA A 98 -9.87 31.99 -9.40
N LEU A 99 -10.48 31.08 -8.64
CA LEU A 99 -10.76 31.31 -7.22
C LEU A 99 -9.47 31.44 -6.41
N ASP A 100 -8.48 30.61 -6.72
CA ASP A 100 -7.17 30.69 -6.10
C ASP A 100 -6.49 31.97 -6.57
N GLY A 101 -6.48 32.17 -7.88
CA GLY A 101 -6.01 33.43 -8.48
C GLY A 101 -4.52 33.62 -8.56
N THR A 102 -3.74 32.62 -8.19
CA THR A 102 -2.27 32.70 -8.28
C THR A 102 -1.72 31.68 -9.28
N PRO A 103 -0.52 31.92 -9.84
CA PRO A 103 -0.02 31.00 -10.88
C PRO A 103 0.32 29.61 -10.40
N ASN A 104 0.61 29.45 -9.12
CA ASN A 104 1.08 28.17 -8.60
C ASN A 104 0.08 27.50 -7.65
N LYS A 105 -1.15 28.00 -7.64
CA LYS A 105 -2.20 27.43 -6.76
C LYS A 105 -1.82 27.50 -5.29
N GLY A 106 -1.03 28.52 -4.95
CA GLY A 106 -0.45 28.64 -3.63
C GLY A 106 -1.36 29.21 -2.55
N LYS A 107 -2.50 29.76 -2.94
CA LYS A 107 -3.42 30.32 -1.97
C LYS A 107 -4.28 29.22 -1.38
N LEU A 108 -4.99 28.51 -2.26
CA LEU A 108 -5.88 27.43 -1.81
C LEU A 108 -5.10 26.11 -1.62
N GLY A 109 -4.03 25.96 -2.38
CA GLY A 109 -3.22 24.74 -2.38
C GLY A 109 -3.57 23.83 -3.54
N ALA A 110 -2.56 23.34 -4.23
CA ALA A 110 -2.79 22.42 -5.34
C ALA A 110 -3.40 21.14 -4.84
N ASN A 111 -3.13 20.83 -3.58
CA ASN A 111 -3.69 19.62 -2.96
C ASN A 111 -5.20 19.75 -2.70
N ALA A 112 -5.64 20.93 -2.29
CA ALA A 112 -7.08 21.20 -2.17
C ALA A 112 -7.76 21.13 -3.53
N ILE A 113 -7.18 21.82 -4.50
CA ILE A 113 -7.78 21.93 -5.82
C ILE A 113 -7.83 20.56 -6.51
N LEU A 114 -6.75 19.81 -6.49
CA LEU A 114 -6.75 18.52 -7.20
C LEU A 114 -7.69 17.54 -6.54
N GLY A 115 -7.78 17.57 -5.21
CA GLY A 115 -8.71 16.64 -4.54
C GLY A 115 -10.11 16.81 -5.06
N VAL A 116 -10.55 18.07 -5.18
CA VAL A 116 -11.87 18.35 -5.71
C VAL A 116 -11.95 17.97 -7.17
N SER A 117 -10.93 18.33 -7.95
CA SER A 117 -10.94 18.07 -9.40
C SER A 117 -11.17 16.58 -9.70
N ILE A 118 -10.43 15.74 -9.00
CA ILE A 118 -10.52 14.28 -9.22
C ILE A 118 -11.83 13.74 -8.65
N ALA A 119 -12.23 14.20 -7.48
CA ALA A 119 -13.45 13.66 -6.87
C ALA A 119 -14.67 13.96 -7.73
N VAL A 120 -14.70 15.15 -8.33
CA VAL A 120 -15.77 15.52 -9.27
C VAL A 120 -15.83 14.54 -10.45
N ALA A 121 -14.70 14.30 -11.09
CA ALA A 121 -14.69 13.39 -12.24
C ALA A 121 -15.13 11.98 -11.84
N ARG A 122 -14.69 11.51 -10.68
CA ARG A 122 -15.09 10.18 -10.21
C ARG A 122 -16.58 10.11 -9.94
N ALA A 123 -17.14 11.17 -9.38
CA ALA A 123 -18.57 11.24 -9.15
C ALA A 123 -19.34 11.27 -10.47
N ALA A 124 -18.80 11.96 -11.47
CA ALA A 124 -19.43 12.04 -12.79
C ALA A 124 -19.49 10.67 -13.44
N ALA A 125 -18.39 9.94 -13.39
CA ALA A 125 -18.36 8.59 -13.95
C ALA A 125 -19.37 7.70 -13.22
N ASP A 126 -19.47 7.84 -11.91
CA ASP A 126 -20.45 7.09 -11.13
C ASP A 126 -21.87 7.42 -11.56
N LEU A 127 -22.14 8.72 -11.75
CA LEU A 127 -23.46 9.18 -12.18
C LEU A 127 -23.87 8.52 -13.49
N LEU A 128 -22.93 8.52 -14.43
CA LEU A 128 -23.22 7.99 -15.78
C LEU A 128 -23.14 6.47 -15.86
N GLY A 129 -22.61 5.82 -14.85
CA GLY A 129 -22.38 4.37 -14.89
C GLY A 129 -21.32 3.97 -15.89
N GLN A 130 -20.36 4.87 -16.10
CA GLN A 130 -19.27 4.64 -17.04
CA GLN A 130 -19.27 4.65 -17.04
C GLN A 130 -17.98 4.28 -16.32
N PRO A 131 -17.17 3.40 -16.93
CA PRO A 131 -15.81 3.27 -16.43
C PRO A 131 -15.09 4.61 -16.49
N LEU A 132 -14.25 4.89 -15.51
CA LEU A 132 -13.68 6.23 -15.42
C LEU A 132 -12.85 6.55 -16.67
N TYR A 133 -12.11 5.57 -17.20
CA TYR A 133 -11.30 5.82 -18.39
C TYR A 133 -12.14 6.24 -19.61
N LYS A 134 -13.38 5.73 -19.71
CA LYS A 134 -14.27 6.10 -20.82
C LYS A 134 -14.93 7.45 -20.58
N TYR A 135 -15.28 7.75 -19.34
CA TYR A 135 -15.75 9.08 -19.02
C TYR A 135 -14.67 10.13 -19.35
N LEU A 136 -13.43 9.86 -18.94
CA LEU A 136 -12.35 10.81 -19.10
C LEU A 136 -11.90 10.95 -20.55
N GLY A 137 -11.80 9.83 -21.25
CA GLY A 137 -11.18 9.78 -22.58
C GLY A 137 -12.10 9.50 -23.75
N GLY A 138 -13.36 9.23 -23.49
CA GLY A 138 -14.27 8.89 -24.55
C GLY A 138 -14.28 7.40 -24.88
N PHE A 139 -15.06 7.04 -25.89
CA PHE A 139 -15.35 5.64 -26.14
C PHE A 139 -14.12 4.81 -26.54
N ASN A 140 -13.09 5.45 -27.06
CA ASN A 140 -11.95 4.75 -27.68
C ASN A 140 -10.75 4.65 -26.74
N GLY A 141 -10.95 4.96 -25.45
CA GLY A 141 -9.90 4.73 -24.44
C GLY A 141 -9.81 3.23 -24.19
N LYS A 142 -8.71 2.62 -24.61
CA LYS A 142 -8.60 1.15 -24.62
C LYS A 142 -7.19 0.61 -24.56
N GLN A 143 -6.19 1.47 -24.59
CA GLN A 143 -4.80 1.02 -24.69
C GLN A 143 -4.19 0.95 -23.30
N LEU A 144 -3.80 -0.25 -22.90
CA LEU A 144 -3.12 -0.45 -21.65
C LEU A 144 -1.67 -0.03 -21.77
N PRO A 145 -1.13 0.57 -20.70
CA PRO A 145 0.25 1.05 -20.74
C PRO A 145 1.30 -0.01 -20.51
N VAL A 146 2.43 0.14 -21.16
CA VAL A 146 3.65 -0.55 -20.77
C VAL A 146 4.11 0.07 -19.47
N PRO A 147 4.25 -0.73 -18.42
CA PRO A 147 4.66 -0.18 -17.13
C PRO A 147 6.18 -0.08 -17.02
N MET A 148 6.67 1.06 -16.57
N MET A 148 6.66 1.06 -16.56
CA MET A 148 8.09 1.12 -16.24
CA MET A 148 8.09 1.15 -16.23
C MET A 148 8.17 0.94 -14.73
C MET A 148 8.17 0.95 -14.73
N MET A 149 8.78 -0.17 -14.35
CA MET A 149 8.70 -0.70 -12.99
C MET A 149 10.00 -0.46 -12.25
N ASN A 150 9.93 0.37 -11.22
CA ASN A 150 11.06 0.56 -10.32
C ASN A 150 11.59 -0.78 -9.86
N ILE A 151 12.90 -0.94 -9.84
CA ILE A 151 13.43 -2.17 -9.28
C ILE A 151 14.65 -1.94 -8.37
N VAL A 152 15.53 -1.02 -8.77
CA VAL A 152 16.71 -0.68 -7.95
C VAL A 152 16.86 0.84 -7.85
N ASN A 153 17.18 1.31 -6.66
CA ASN A 153 17.34 2.72 -6.40
C ASN A 153 18.75 3.07 -6.03
N GLY A 154 19.12 4.28 -6.40
CA GLY A 154 20.46 4.82 -6.16
C GLY A 154 20.40 6.28 -5.76
N GLY A 155 21.51 6.98 -5.96
CA GLY A 155 21.54 8.42 -5.74
C GLY A 155 21.19 8.76 -4.29
N SER A 156 20.28 9.70 -4.09
CA SER A 156 19.88 10.13 -2.75
C SER A 156 18.87 9.17 -2.12
N HIS A 157 18.47 8.14 -2.86
CA HIS A 157 17.54 7.11 -2.37
C HIS A 157 18.28 5.83 -2.01
N SER A 158 19.58 5.93 -1.77
CA SER A 158 20.41 4.77 -1.47
C SER A 158 21.73 5.20 -0.89
N ASP A 159 22.44 4.23 -0.30
CA ASP A 159 23.77 4.46 0.25
C ASP A 159 24.86 3.86 -0.61
N ALA A 160 24.48 3.19 -1.69
CA ALA A 160 25.45 2.59 -2.61
C ALA A 160 26.11 3.66 -3.49
N PRO A 161 27.33 3.38 -3.99
CA PRO A 161 28.11 4.30 -4.85
C PRO A 161 27.60 4.38 -6.30
N ILE A 162 26.38 4.90 -6.41
CA ILE A 162 25.64 4.96 -7.68
C ILE A 162 24.98 6.31 -7.75
N ALA A 163 25.24 7.06 -8.83
CA ALA A 163 24.69 8.39 -8.97
C ALA A 163 23.21 8.38 -9.44
N PHE A 164 22.86 7.48 -10.34
CA PHE A 164 21.48 7.49 -10.87
C PHE A 164 20.51 7.12 -9.75
N GLN A 165 19.36 7.79 -9.74
CA GLN A 165 18.37 7.62 -8.69
C GLN A 165 17.56 6.32 -8.82
N GLU A 166 17.28 5.92 -10.05
CA GLU A 166 16.38 4.79 -10.26
C GLU A 166 16.70 3.98 -11.51
N PHE A 167 16.61 2.67 -11.38
CA PHE A 167 16.69 1.72 -12.45
C PHE A 167 15.36 0.98 -12.52
N MET A 168 14.86 0.80 -13.73
CA MET A 168 13.55 0.21 -13.99
C MET A 168 13.65 -0.93 -14.99
N ILE A 169 12.66 -1.82 -14.95
CA ILE A 169 12.45 -2.80 -16.00
C ILE A 169 11.16 -2.46 -16.72
N LEU A 170 11.12 -2.78 -18.01
CA LEU A 170 9.95 -2.54 -18.85
C LEU A 170 9.63 -3.81 -19.63
N PRO A 171 8.51 -4.49 -19.33
CA PRO A 171 8.11 -5.71 -20.02
C PRO A 171 7.43 -5.41 -21.36
N VAL A 172 8.19 -4.82 -22.27
CA VAL A 172 7.66 -4.31 -23.53
CA VAL A 172 7.68 -4.30 -23.53
C VAL A 172 7.15 -5.43 -24.43
N GLY A 173 7.76 -6.61 -24.34
CA GLY A 173 7.44 -7.70 -25.26
C GLY A 173 6.22 -8.55 -24.95
N ALA A 174 5.54 -8.26 -23.84
CA ALA A 174 4.38 -9.01 -23.46
C ALA A 174 3.22 -8.70 -24.42
N THR A 175 2.24 -9.59 -24.49
CA THR A 175 1.12 -9.42 -25.42
C THR A 175 -0.06 -8.71 -24.77
N THR A 176 -0.09 -8.69 -23.43
CA THR A 176 -1.16 -8.05 -22.67
C THR A 176 -0.54 -7.38 -21.45
N PHE A 177 -1.27 -6.43 -20.86
CA PHE A 177 -0.82 -5.87 -19.60
C PHE A 177 -0.74 -6.94 -18.49
N LYS A 178 -1.74 -7.82 -18.43
CA LYS A 178 -1.79 -8.86 -17.42
C LYS A 178 -0.53 -9.72 -17.46
N GLU A 179 -0.11 -10.10 -18.66
N GLU A 179 -0.11 -10.09 -18.67
CA GLU A 179 1.13 -10.87 -18.79
CA GLU A 179 1.14 -10.85 -18.83
C GLU A 179 2.36 -10.03 -18.42
C GLU A 179 2.36 -10.02 -18.42
N SER A 180 2.36 -8.76 -18.83
CA SER A 180 3.49 -7.85 -18.52
C SER A 180 3.70 -7.74 -17.02
N LEU A 181 2.60 -7.68 -16.28
CA LEU A 181 2.64 -7.55 -14.82
C LEU A 181 3.27 -8.80 -14.19
N ARG A 182 2.87 -9.96 -14.68
CA ARG A 182 3.43 -11.22 -14.20
C ARG A 182 4.92 -11.29 -14.49
N TRP A 183 5.34 -10.89 -15.68
CA TRP A 183 6.78 -10.90 -16.02
C TRP A 183 7.55 -10.06 -15.03
N GLY A 184 7.07 -8.85 -14.79
CA GLY A 184 7.76 -7.96 -13.88
C GLY A 184 7.87 -8.52 -12.47
N THR A 185 6.77 -9.11 -11.98
N THR A 185 6.78 -9.11 -12.01
CA THR A 185 6.79 -9.67 -10.61
CA THR A 185 6.74 -9.65 -10.69
C THR A 185 7.78 -10.83 -10.53
C THR A 185 7.74 -10.83 -10.54
N GLU A 186 7.79 -11.68 -11.55
CA GLU A 186 8.71 -12.82 -11.55
C GLU A 186 10.15 -12.34 -11.51
N ILE A 187 10.45 -11.29 -12.27
CA ILE A 187 11.78 -10.73 -12.28
C ILE A 187 12.12 -10.12 -10.91
N PHE A 188 11.19 -9.40 -10.32
CA PHE A 188 11.35 -8.85 -8.99
C PHE A 188 11.70 -9.92 -7.95
N HIS A 189 10.94 -11.01 -7.93
CA HIS A 189 11.19 -12.08 -6.95
C HIS A 189 12.53 -12.76 -7.23
N ASN A 190 12.87 -12.92 -8.51
N ASN A 190 12.87 -12.92 -8.51
CA ASN A 190 14.19 -13.48 -8.86
CA ASN A 190 14.16 -13.48 -8.85
C ASN A 190 15.34 -12.59 -8.40
C ASN A 190 15.34 -12.59 -8.40
N LEU A 191 15.20 -11.28 -8.59
CA LEU A 191 16.20 -10.34 -8.10
C LEU A 191 16.33 -10.40 -6.59
N LYS A 192 15.21 -10.49 -5.90
CA LYS A 192 15.25 -10.58 -4.46
C LYS A 192 16.08 -11.79 -4.01
N SER A 193 15.88 -12.92 -4.68
CA SER A 193 16.62 -14.15 -4.36
C SER A 193 18.11 -13.95 -4.60
N ILE A 194 18.44 -13.33 -5.73
CA ILE A 194 19.85 -13.03 -6.05
C ILE A 194 20.48 -12.14 -4.99
N LEU A 195 19.77 -11.08 -4.59
CA LEU A 195 20.26 -10.20 -3.56
C LEU A 195 20.50 -10.91 -2.23
N SER A 196 19.54 -11.71 -1.82
N SER A 196 19.54 -11.71 -1.82
CA SER A 196 19.62 -12.47 -0.56
CA SER A 196 19.63 -12.46 -0.56
C SER A 196 20.86 -13.36 -0.55
C SER A 196 20.86 -13.37 -0.55
N LYS A 197 21.06 -14.08 -1.64
CA LYS A 197 22.22 -14.99 -1.79
C LYS A 197 23.56 -14.25 -1.74
N ARG A 198 23.58 -13.02 -2.23
CA ARG A 198 24.76 -12.15 -2.15
C ARG A 198 24.94 -11.45 -0.81
N GLY A 199 24.01 -11.64 0.10
CA GLY A 199 24.02 -10.99 1.41
C GLY A 199 23.68 -9.51 1.38
N LEU A 200 22.95 -9.10 0.36
CA LEU A 200 22.53 -7.71 0.21
C LEU A 200 21.11 -7.51 0.73
N GLU A 201 20.77 -6.26 1.02
CA GLU A 201 19.50 -5.93 1.68
C GLU A 201 18.33 -6.03 0.73
N THR A 202 17.25 -6.61 1.23
CA THR A 202 16.03 -6.81 0.42
C THR A 202 14.82 -6.06 0.96
N ALA A 203 14.98 -5.29 2.03
CA ALA A 203 13.94 -4.37 2.49
C ALA A 203 13.69 -3.34 1.41
N VAL A 204 12.50 -2.73 1.43
CA VAL A 204 12.12 -1.84 0.31
C VAL A 204 12.01 -0.38 0.67
N GLY A 205 12.12 0.45 -0.37
CA GLY A 205 11.99 1.88 -0.26
C GLY A 205 10.59 2.35 -0.59
N ASP A 206 10.47 3.65 -0.79
CA ASP A 206 9.16 4.28 -0.89
C ASP A 206 8.33 3.72 -2.02
N GLU A 207 8.99 3.34 -3.13
CA GLU A 207 8.31 2.81 -4.33
C GLU A 207 8.20 1.30 -4.39
N GLY A 208 8.66 0.59 -3.36
CA GLY A 208 8.52 -0.87 -3.25
C GLY A 208 9.65 -1.68 -3.84
N GLY A 209 10.72 -1.00 -4.23
CA GLY A 209 11.89 -1.64 -4.81
C GLY A 209 13.05 -1.66 -3.85
N PHE A 210 14.20 -2.10 -4.37
CA PHE A 210 15.37 -2.35 -3.54
C PHE A 210 16.38 -1.21 -3.65
N ALA A 211 17.21 -1.07 -2.63
CA ALA A 211 18.36 -0.13 -2.69
C ALA A 211 19.60 -0.83 -2.14
N PRO A 212 20.07 -1.85 -2.87
CA PRO A 212 21.15 -2.70 -2.35
C PRO A 212 22.50 -2.02 -2.49
N LYS A 213 23.44 -2.45 -1.65
CA LYS A 213 24.82 -1.93 -1.69
C LYS A 213 25.62 -2.60 -2.81
N PHE A 214 25.23 -2.31 -4.05
CA PHE A 214 25.98 -2.73 -5.22
C PHE A 214 27.35 -2.03 -5.24
N GLU A 215 28.26 -2.55 -6.06
CA GLU A 215 29.61 -1.98 -6.20
C GLU A 215 29.60 -0.69 -7.02
N GLY A 216 28.57 -0.52 -7.83
CA GLY A 216 28.43 0.64 -8.70
C GLY A 216 27.34 0.41 -9.74
N THR A 217 27.28 1.31 -10.71
CA THR A 217 26.24 1.30 -11.74
C THR A 217 26.25 0.04 -12.59
N GLU A 218 27.44 -0.39 -13.02
CA GLU A 218 27.51 -1.60 -13.86
C GLU A 218 27.03 -2.85 -13.12
N ASP A 219 27.42 -2.97 -11.85
CA ASP A 219 26.98 -4.07 -10.98
C ASP A 219 25.42 -4.06 -10.90
N ALA A 220 24.85 -2.91 -10.62
CA ALA A 220 23.39 -2.80 -10.52
C ALA A 220 22.72 -3.25 -11.81
N VAL A 221 23.14 -2.66 -12.93
CA VAL A 221 22.56 -2.99 -14.23
C VAL A 221 22.73 -4.46 -14.58
N GLU A 222 23.95 -5.00 -14.42
CA GLU A 222 24.17 -6.39 -14.78
C GLU A 222 23.42 -7.36 -13.88
N THR A 223 23.22 -6.97 -12.63
CA THR A 223 22.46 -7.80 -11.69
C THR A 223 20.98 -7.82 -12.05
N ILE A 224 20.46 -6.67 -12.46
CA ILE A 224 19.06 -6.64 -12.97
C ILE A 224 18.93 -7.53 -14.21
N ILE A 225 19.89 -7.43 -15.15
CA ILE A 225 19.88 -8.27 -16.33
C ILE A 225 19.95 -9.76 -15.95
N GLN A 226 20.79 -10.07 -14.96
CA GLN A 226 20.86 -11.42 -14.42
C GLN A 226 19.50 -11.94 -13.93
N ALA A 227 18.76 -11.08 -13.23
CA ALA A 227 17.41 -11.43 -12.75
C ALA A 227 16.42 -11.64 -13.89
N ILE A 228 16.49 -10.77 -14.90
CA ILE A 228 15.64 -10.92 -16.08
C ILE A 228 15.86 -12.29 -16.69
N GLU A 229 17.14 -12.65 -16.86
CA GLU A 229 17.50 -13.94 -17.48
C GLU A 229 17.14 -15.14 -16.62
N ALA A 230 17.38 -15.00 -15.32
CA ALA A 230 17.00 -16.06 -14.39
C ALA A 230 15.51 -16.35 -14.35
N ALA A 231 14.70 -15.30 -14.52
CA ALA A 231 13.24 -15.42 -14.63
C ALA A 231 12.79 -15.99 -15.97
N GLY A 232 13.73 -16.11 -16.91
CA GLY A 232 13.47 -16.75 -18.19
C GLY A 232 13.12 -15.80 -19.31
N TYR A 233 13.43 -14.52 -19.15
CA TYR A 233 13.07 -13.51 -20.16
C TYR A 233 14.28 -12.99 -20.89
N LYS A 234 14.05 -12.48 -22.09
CA LYS A 234 15.13 -12.00 -22.96
C LYS A 234 15.37 -10.50 -22.85
N PRO A 235 16.49 -10.09 -22.24
CA PRO A 235 16.81 -8.67 -22.21
C PRO A 235 17.00 -8.11 -23.60
N GLY A 236 16.47 -6.92 -23.83
CA GLY A 236 16.58 -6.26 -25.15
C GLY A 236 15.63 -6.79 -26.22
N GLU A 237 14.71 -7.66 -25.83
CA GLU A 237 13.64 -8.14 -26.71
C GLU A 237 12.32 -8.16 -25.95
N GLU A 238 12.27 -8.96 -24.91
CA GLU A 238 11.08 -9.04 -24.07
C GLU A 238 11.05 -7.99 -22.97
N VAL A 239 12.22 -7.73 -22.38
CA VAL A 239 12.30 -6.81 -21.26
C VAL A 239 13.47 -5.86 -21.48
N PHE A 240 13.21 -4.57 -21.32
CA PHE A 240 14.21 -3.52 -21.44
C PHE A 240 14.45 -2.86 -20.09
N LEU A 241 15.51 -2.07 -20.03
CA LEU A 241 15.83 -1.28 -18.86
C LEU A 241 15.50 0.18 -19.06
N GLY A 242 15.27 0.86 -17.96
CA GLY A 242 15.13 2.31 -17.93
C GLY A 242 15.93 2.92 -16.79
N PHE A 243 16.35 4.17 -16.96
CA PHE A 243 16.90 4.99 -15.88
C PHE A 243 16.02 6.17 -15.53
N ASP A 244 16.05 6.58 -14.26
CA ASP A 244 15.79 7.95 -13.83
C ASP A 244 17.09 8.45 -13.22
N CYS A 245 17.82 9.21 -14.02
CA CYS A 245 19.14 9.68 -13.59
C CYS A 245 19.00 10.72 -12.50
N ALA A 246 17.90 11.47 -12.51
CA ALA A 246 17.68 12.62 -11.63
C ALA A 246 18.96 13.47 -11.58
N SER A 247 19.46 13.78 -12.77
CA SER A 247 20.82 14.33 -12.91
C SER A 247 20.96 15.69 -12.26
N SER A 248 19.86 16.41 -12.09
CA SER A 248 19.90 17.70 -11.38
C SER A 248 20.47 17.56 -9.97
N GLU A 249 20.29 16.40 -9.36
CA GLU A 249 20.77 16.18 -7.99
C GLU A 249 22.28 16.03 -7.89
N PHE A 250 22.97 15.88 -9.01
CA PHE A 250 24.45 15.87 -8.98
C PHE A 250 25.14 16.84 -9.97
N TYR A 251 24.35 17.74 -10.54
CA TYR A 251 24.87 18.76 -11.43
C TYR A 251 25.06 20.05 -10.68
N GLU A 252 26.25 20.62 -10.81
CA GLU A 252 26.52 21.95 -10.25
C GLU A 252 27.63 22.63 -11.01
N ASN A 253 27.45 23.91 -11.29
CA ASN A 253 28.48 24.73 -11.93
C ASN A 253 28.98 24.09 -13.21
N GLY A 254 28.05 23.63 -14.04
CA GLY A 254 28.40 23.09 -15.34
C GLY A 254 29.02 21.70 -15.35
N VAL A 255 29.01 21.02 -14.20
CA VAL A 255 29.59 19.69 -14.10
C VAL A 255 28.60 18.66 -13.58
N TYR A 256 28.54 17.54 -14.28
CA TYR A 256 27.83 16.34 -13.79
C TYR A 256 28.80 15.62 -12.86
N ASP A 257 28.65 15.89 -11.58
CA ASP A 257 29.63 15.49 -10.57
C ASP A 257 29.24 14.17 -9.91
N TYR A 258 29.70 13.09 -10.49
CA TYR A 258 29.40 11.75 -10.01
C TYR A 258 30.05 11.47 -8.65
N SER A 259 31.06 12.27 -8.28
CA SER A 259 31.67 12.12 -6.95
C SER A 259 30.73 12.46 -5.80
N LYS A 260 29.64 13.16 -6.08
CA LYS A 260 28.63 13.42 -5.06
C LYS A 260 28.04 12.14 -4.47
N PHE A 261 27.88 11.12 -5.31
CA PHE A 261 27.31 9.83 -4.87
C PHE A 261 28.23 8.62 -5.01
N GLU A 262 29.26 8.72 -5.84
CA GLU A 262 30.06 7.55 -6.22
C GLU A 262 31.46 7.58 -5.60
N GLY A 263 31.63 8.39 -4.56
CA GLY A 263 32.90 8.48 -3.83
C GLY A 263 33.88 9.47 -4.44
N GLU A 264 35.03 9.63 -3.79
CA GLU A 264 36.02 10.64 -4.20
C GLU A 264 36.55 10.45 -5.62
N HIS A 265 36.62 9.21 -6.10
CA HIS A 265 37.14 8.92 -7.44
C HIS A 265 36.09 9.02 -8.57
N GLY A 266 34.87 9.44 -8.23
CA GLY A 266 33.77 9.51 -9.19
C GLY A 266 33.96 10.62 -10.21
N ALA A 267 33.63 10.32 -11.46
CA ALA A 267 33.94 11.21 -12.57
C ALA A 267 33.20 12.54 -12.49
N LYS A 268 33.89 13.59 -12.93
CA LYS A 268 33.31 14.91 -13.07
C LYS A 268 33.18 15.15 -14.56
N ARG A 269 31.96 15.09 -15.05
CA ARG A 269 31.72 15.08 -16.49
C ARG A 269 31.15 16.39 -16.97
N THR A 270 31.72 16.91 -18.06
CA THR A 270 31.10 18.03 -18.75
C THR A 270 29.80 17.53 -19.38
N ALA A 271 28.98 18.46 -19.84
CA ALA A 271 27.76 18.09 -20.57
C ALA A 271 28.08 17.20 -21.79
N ALA A 272 29.17 17.50 -22.49
CA ALA A 272 29.57 16.67 -23.61
C ALA A 272 29.94 15.25 -23.18
N GLU A 273 30.66 15.16 -22.07
CA GLU A 273 31.10 13.86 -21.55
C GLU A 273 29.90 13.08 -20.99
N GLN A 274 28.95 13.81 -20.41
CA GLN A 274 27.68 13.22 -19.90
C GLN A 274 26.89 12.57 -21.04
N VAL A 275 26.76 13.28 -22.15
CA VAL A 275 26.11 12.73 -23.35
C VAL A 275 26.86 11.51 -23.86
N ASP A 276 28.19 11.62 -23.94
CA ASP A 276 28.99 10.47 -24.36
C ASP A 276 28.75 9.24 -23.47
N TYR A 277 28.68 9.50 -22.17
CA TYR A 277 28.51 8.46 -21.17
C TYR A 277 27.14 7.77 -21.30
N LEU A 278 26.10 8.57 -21.42
CA LEU A 278 24.76 8.00 -21.61
C LEU A 278 24.68 7.20 -22.91
N GLU A 279 25.29 7.71 -23.98
CA GLU A 279 25.36 7.00 -25.25
C GLU A 279 26.08 5.65 -25.12
N GLN A 280 27.21 5.66 -24.41
CA GLN A 280 27.94 4.43 -24.13
C GLN A 280 27.07 3.40 -23.40
N LEU A 281 26.33 3.86 -22.40
CA LEU A 281 25.45 2.96 -21.64
C LEU A 281 24.35 2.36 -22.51
N VAL A 282 23.70 3.18 -23.33
CA VAL A 282 22.66 2.66 -24.22
C VAL A 282 23.18 1.76 -25.35
N ASP A 283 24.45 1.94 -25.73
CA ASP A 283 25.08 1.03 -26.66
C ASP A 283 25.47 -0.31 -26.01
N LYS A 284 25.79 -0.27 -24.72
CA LYS A 284 26.24 -1.47 -24.01
C LYS A 284 25.09 -2.32 -23.47
N TYR A 285 24.02 -1.66 -23.04
CA TYR A 285 22.93 -2.30 -22.30
C TYR A 285 21.59 -1.99 -22.96
N PRO A 286 20.58 -2.87 -22.79
CA PRO A 286 19.27 -2.70 -23.43
C PRO A 286 18.41 -1.65 -22.75
N ILE A 287 18.82 -0.40 -22.88
CA ILE A 287 18.17 0.73 -22.23
C ILE A 287 17.25 1.43 -23.24
N ILE A 288 15.96 1.48 -22.94
CA ILE A 288 14.99 2.08 -23.86
C ILE A 288 14.52 3.46 -23.43
N THR A 289 14.74 3.85 -22.17
CA THR A 289 14.25 5.11 -21.64
C THR A 289 15.17 5.66 -20.57
N ILE A 290 15.40 6.97 -20.65
CA ILE A 290 16.19 7.70 -19.68
C ILE A 290 15.46 8.95 -19.27
N GLU A 291 15.20 9.07 -17.98
CA GLU A 291 14.53 10.22 -17.42
C GLU A 291 15.55 11.17 -16.77
N ASP A 292 15.41 12.45 -17.09
CA ASP A 292 16.26 13.51 -16.50
C ASP A 292 17.75 13.20 -16.61
N GLY A 293 18.17 12.78 -17.79
CA GLY A 293 19.57 12.43 -18.06
C GLY A 293 20.47 13.65 -18.05
N MET A 294 19.88 14.80 -18.33
CA MET A 294 20.57 16.08 -18.27
C MET A 294 19.86 16.96 -17.26
N ASP A 295 20.59 17.95 -16.77
CA ASP A 295 20.09 18.81 -15.74
C ASP A 295 18.88 19.64 -16.18
N GLU A 296 18.02 19.98 -15.23
CA GLU A 296 16.78 20.68 -15.50
C GLU A 296 16.95 22.02 -16.22
N ASN A 297 18.12 22.65 -16.08
CA ASN A 297 18.42 23.93 -16.74
C ASN A 297 19.43 23.81 -17.86
N ASP A 298 19.93 22.61 -18.11
CA ASP A 298 20.95 22.39 -19.15
C ASP A 298 20.27 22.06 -20.48
N TRP A 299 19.64 23.08 -21.06
CA TRP A 299 18.91 22.91 -22.33
C TRP A 299 19.82 22.60 -23.50
N ASP A 300 21.01 23.21 -23.53
CA ASP A 300 21.98 22.84 -24.57
C ASP A 300 22.35 21.37 -24.48
N GLY A 301 22.56 20.87 -23.26
CA GLY A 301 22.92 19.46 -23.05
C GLY A 301 21.77 18.53 -23.41
N TRP A 302 20.56 18.93 -23.05
CA TRP A 302 19.36 18.17 -23.47
C TRP A 302 19.25 18.08 -24.99
N LYS A 303 19.51 19.19 -25.68
CA LYS A 303 19.50 19.20 -27.14
C LYS A 303 20.52 18.23 -27.71
N GLN A 304 21.75 18.27 -27.19
CA GLN A 304 22.79 17.36 -27.65
C GLN A 304 22.42 15.91 -27.38
N LEU A 305 21.88 15.63 -26.20
CA LEU A 305 21.46 14.27 -25.84
C LEU A 305 20.36 13.78 -26.80
N THR A 306 19.40 14.65 -27.07
CA THR A 306 18.30 14.33 -27.97
C THR A 306 18.75 14.08 -29.41
N GLU A 307 19.63 14.93 -29.91
CA GLU A 307 20.26 14.69 -31.22
C GLU A 307 21.05 13.39 -31.24
N ARG A 308 21.73 13.08 -30.14
CA ARG A 308 22.61 11.90 -30.10
C ARG A 308 21.88 10.57 -30.08
N ILE A 309 20.89 10.42 -29.20
CA ILE A 309 20.23 9.13 -29.04
C ILE A 309 18.70 9.15 -29.04
N GLY A 310 18.12 10.34 -29.21
CA GLY A 310 16.65 10.50 -29.18
C GLY A 310 15.88 9.76 -30.24
N ASP A 311 16.54 9.38 -31.34
CA ASP A 311 15.88 8.59 -32.37
C ASP A 311 15.58 7.16 -31.93
N ARG A 312 16.33 6.64 -30.95
CA ARG A 312 16.25 5.24 -30.53
C ARG A 312 16.09 5.00 -29.02
N VAL A 313 16.17 6.05 -28.24
CA VAL A 313 15.97 6.01 -26.76
C VAL A 313 15.01 7.12 -26.36
N GLN A 314 14.02 6.75 -25.55
CA GLN A 314 13.12 7.72 -24.97
C GLN A 314 13.81 8.58 -23.93
N LEU A 315 13.57 9.87 -24.00
CA LEU A 315 14.20 10.84 -23.17
C LEU A 315 13.13 11.62 -22.46
N VAL A 316 12.91 11.27 -21.20
CA VAL A 316 11.80 11.77 -20.43
C VAL A 316 12.17 12.96 -19.58
N GLY A 317 11.50 14.08 -19.82
CA GLY A 317 11.60 15.23 -18.93
C GLY A 317 10.68 15.09 -17.73
N ASP A 318 11.25 15.11 -16.54
CA ASP A 318 10.47 15.18 -15.29
C ASP A 318 10.71 16.54 -14.65
N ASP A 319 11.85 16.68 -13.94
CA ASP A 319 12.26 17.98 -13.41
C ASP A 319 12.40 19.01 -14.54
N LEU A 320 12.72 18.54 -15.74
CA LEU A 320 12.82 19.43 -16.90
C LEU A 320 11.53 20.20 -17.17
N PHE A 321 10.38 19.51 -17.11
CA PHE A 321 9.09 20.09 -17.52
C PHE A 321 8.12 20.41 -16.40
N VAL A 322 8.25 19.72 -15.28
CA VAL A 322 7.36 19.82 -14.12
C VAL A 322 5.86 19.94 -14.48
N THR A 323 5.41 19.09 -15.41
CA THR A 323 4.04 19.01 -15.86
C THR A 323 3.49 20.42 -16.22
N ASN A 324 4.34 21.23 -16.83
CA ASN A 324 4.05 22.66 -17.10
C ASN A 324 4.02 22.84 -18.62
N THR A 325 2.85 23.12 -19.17
CA THR A 325 2.68 23.22 -20.63
C THR A 325 3.45 24.37 -21.25
N GLU A 326 3.70 25.42 -20.49
CA GLU A 326 4.57 26.50 -21.00
C GLU A 326 6.01 26.02 -21.19
N ILE A 327 6.52 25.24 -20.23
CA ILE A 327 7.88 24.70 -20.34
C ILE A 327 7.87 23.61 -21.41
N LEU A 328 6.83 22.75 -21.39
CA LEU A 328 6.75 21.70 -22.42
C LEU A 328 6.77 22.31 -23.83
N ALA A 329 5.96 23.34 -24.04
CA ALA A 329 5.89 23.99 -25.35
C ALA A 329 7.28 24.48 -25.78
N LYS A 330 7.99 25.08 -24.84
CA LYS A 330 9.36 25.54 -25.11
C LYS A 330 10.27 24.36 -25.47
N GLY A 331 10.13 23.25 -24.75
CA GLY A 331 10.87 22.05 -25.08
C GLY A 331 10.62 21.56 -26.48
N ILE A 332 9.34 21.46 -26.84
CA ILE A 332 8.92 20.96 -28.14
C ILE A 332 9.50 21.84 -29.24
N GLU A 333 9.40 23.14 -29.06
CA GLU A 333 9.88 24.12 -30.06
C GLU A 333 11.39 24.03 -30.27
N ASN A 334 12.11 23.63 -29.24
CA ASN A 334 13.58 23.53 -29.28
C ASN A 334 14.17 22.13 -29.47
N GLY A 335 13.32 21.14 -29.69
CA GLY A 335 13.78 19.79 -29.95
C GLY A 335 14.40 19.13 -28.72
N ILE A 336 13.79 19.39 -27.58
CA ILE A 336 14.28 18.95 -26.28
C ILE A 336 13.47 17.75 -25.75
N GLY A 337 14.12 16.61 -25.60
CA GLY A 337 13.46 15.38 -25.10
C GLY A 337 12.45 14.84 -26.08
N ASN A 338 11.78 13.75 -25.71
CA ASN A 338 10.72 13.20 -26.56
C ASN A 338 9.62 12.52 -25.73
N SER A 339 9.59 12.89 -24.47
CA SER A 339 8.64 12.31 -23.51
C SER A 339 8.54 13.23 -22.31
N ILE A 340 7.40 13.18 -21.64
CA ILE A 340 7.18 13.98 -20.43
C ILE A 340 6.55 13.09 -19.35
N LEU A 341 7.06 13.22 -18.13
CA LEU A 341 6.44 12.57 -16.97
C LEU A 341 5.33 13.45 -16.46
N ILE A 342 4.12 12.90 -16.45
CA ILE A 342 2.92 13.65 -16.13
C ILE A 342 2.50 13.34 -14.68
N LYS A 343 2.59 14.36 -13.84
CA LYS A 343 2.26 14.26 -12.41
C LYS A 343 1.03 15.14 -12.18
N VAL A 344 -0.12 14.50 -12.01
N VAL A 344 -0.12 14.50 -12.01
CA VAL A 344 -1.37 15.21 -11.82
CA VAL A 344 -1.37 15.23 -11.80
C VAL A 344 -1.28 16.30 -10.73
C VAL A 344 -1.27 16.32 -10.73
N ASN A 345 -0.64 16.01 -9.61
CA ASN A 345 -0.59 16.98 -8.52
C ASN A 345 0.42 18.09 -8.72
N GLN A 346 1.33 17.93 -9.68
CA GLN A 346 2.30 18.96 -10.05
C GLN A 346 1.66 20.10 -10.82
N ILE A 347 0.52 19.84 -11.45
CA ILE A 347 -0.23 20.89 -12.12
C ILE A 347 -1.53 21.23 -11.40
N GLY A 348 -2.25 20.22 -10.91
CA GLY A 348 -3.30 20.45 -9.93
C GLY A 348 -4.76 20.37 -10.33
N THR A 349 -5.04 20.20 -11.61
CA THR A 349 -6.40 19.87 -12.07
C THR A 349 -6.36 18.79 -13.14
N LEU A 350 -7.46 18.05 -13.27
CA LEU A 350 -7.57 17.10 -14.36
C LEU A 350 -7.58 17.78 -15.73
N THR A 351 -8.24 18.93 -15.84
CA THR A 351 -8.25 19.64 -17.12
C THR A 351 -6.82 19.95 -17.57
N GLU A 352 -6.01 20.53 -16.68
CA GLU A 352 -4.65 20.89 -17.04
C GLU A 352 -3.78 19.66 -17.32
N THR A 353 -4.02 18.58 -16.57
CA THR A 353 -3.33 17.33 -16.79
C THR A 353 -3.59 16.83 -18.23
N PHE A 354 -4.86 16.81 -18.61
CA PHE A 354 -5.22 16.36 -19.94
C PHE A 354 -4.69 17.30 -21.04
N ASP A 355 -4.70 18.59 -20.77
CA ASP A 355 -4.10 19.54 -21.72
C ASP A 355 -2.61 19.21 -21.94
N ALA A 356 -1.90 18.88 -20.87
CA ALA A 356 -0.47 18.57 -20.99
C ALA A 356 -0.24 17.29 -21.77
N ILE A 357 -1.02 16.27 -21.47
CA ILE A 357 -0.93 15.00 -22.19
C ILE A 357 -1.17 15.22 -23.69
N GLU A 358 -2.20 15.99 -24.01
CA GLU A 358 -2.59 16.27 -25.39
C GLU A 358 -1.50 17.05 -26.13
N MET A 359 -0.94 18.05 -25.47
CA MET A 359 0.16 18.83 -26.05
C MET A 359 1.34 17.94 -26.37
N ALA A 360 1.67 17.05 -25.45
CA ALA A 360 2.78 16.12 -25.65
C ALA A 360 2.48 15.21 -26.84
N GLN A 361 1.30 14.59 -26.85
CA GLN A 361 0.96 13.63 -27.88
C GLN A 361 1.03 14.27 -29.28
N LYS A 362 0.46 15.46 -29.41
CA LYS A 362 0.40 16.19 -30.68
C LYS A 362 1.77 16.66 -31.14
N ALA A 363 2.76 16.62 -30.27
CA ALA A 363 4.15 16.86 -30.63
C ALA A 363 4.92 15.57 -30.95
N GLY A 364 4.27 14.42 -30.89
CA GLY A 364 4.98 13.15 -31.07
C GLY A 364 5.79 12.73 -29.87
N TYR A 365 5.51 13.33 -28.72
CA TYR A 365 6.09 12.93 -27.46
C TYR A 365 5.16 11.91 -26.81
N THR A 366 5.75 11.02 -26.01
CA THR A 366 4.94 10.18 -25.13
C THR A 366 4.64 10.92 -23.82
N ALA A 367 3.49 10.61 -23.23
CA ALA A 367 3.08 11.18 -21.96
C ALA A 367 3.04 10.02 -20.97
N VAL A 368 3.95 10.02 -20.02
CA VAL A 368 4.04 8.92 -19.06
C VAL A 368 3.39 9.37 -17.75
N VAL A 369 2.22 8.81 -17.50
CA VAL A 369 1.47 9.13 -16.33
C VAL A 369 2.19 8.54 -15.10
N SER A 370 2.37 9.33 -14.06
CA SER A 370 3.26 8.98 -12.96
C SER A 370 2.68 9.02 -11.55
N HIS A 371 3.19 8.12 -10.73
CA HIS A 371 3.03 8.20 -9.28
C HIS A 371 3.92 9.29 -8.67
N ARG A 372 3.74 9.50 -7.38
CA ARG A 372 4.67 10.26 -6.54
C ARG A 372 5.24 9.36 -5.47
N SER A 373 6.28 9.85 -4.79
N SER A 373 6.28 9.84 -4.79
CA SER A 373 6.90 9.11 -3.68
CA SER A 373 6.89 9.05 -3.70
C SER A 373 5.89 8.74 -2.59
C SER A 373 5.88 8.73 -2.59
N GLY A 374 5.03 9.70 -2.25
CA GLY A 374 3.95 9.50 -1.29
C GLY A 374 2.67 9.24 -2.08
N GLU A 375 2.26 7.98 -2.08
CA GLU A 375 1.05 7.56 -2.79
C GLU A 375 -0.07 7.27 -1.82
N THR A 376 -1.20 6.87 -2.36
CA THR A 376 -2.36 6.52 -1.57
C THR A 376 -3.07 5.34 -2.24
N GLU A 377 -4.18 4.98 -1.64
CA GLU A 377 -5.06 3.93 -2.18
C GLU A 377 -5.84 4.39 -3.42
N ASP A 378 -5.72 5.65 -3.82
CA ASP A 378 -6.30 6.14 -5.06
C ASP A 378 -5.65 5.46 -6.27
N THR A 379 -6.46 5.14 -7.28
CA THR A 379 -5.96 4.49 -8.49
C THR A 379 -6.32 5.27 -9.76
N THR A 380 -6.66 6.54 -9.61
CA THR A 380 -7.07 7.36 -10.74
C THR A 380 -6.03 7.39 -11.88
N ILE A 381 -4.75 7.38 -11.55
CA ILE A 381 -3.74 7.46 -12.62
C ILE A 381 -3.80 6.28 -13.59
N ALA A 382 -4.23 5.11 -13.13
CA ALA A 382 -4.42 3.97 -14.03
C ALA A 382 -5.47 4.33 -15.10
N ASP A 383 -6.58 4.89 -14.65
CA ASP A 383 -7.65 5.27 -15.58
C ASP A 383 -7.20 6.41 -16.50
N ILE A 384 -6.38 7.33 -16.02
CA ILE A 384 -5.90 8.40 -16.87
C ILE A 384 -5.02 7.85 -17.98
N ALA A 385 -4.17 6.89 -17.67
CA ALA A 385 -3.30 6.30 -18.68
C ALA A 385 -4.09 5.64 -19.81
N VAL A 386 -5.15 4.94 -19.45
CA VAL A 386 -5.96 4.26 -20.46
C VAL A 386 -6.88 5.25 -21.20
N ALA A 387 -7.41 6.24 -20.48
CA ALA A 387 -8.30 7.24 -21.08
C ALA A 387 -7.66 7.94 -22.26
N THR A 388 -6.36 8.21 -22.12
CA THR A 388 -5.61 8.98 -23.11
C THR A 388 -4.81 8.08 -24.03
N ASN A 389 -5.01 6.75 -23.94
CA ASN A 389 -4.20 5.81 -24.71
C ASN A 389 -2.72 6.20 -24.65
N ALA A 390 -2.26 6.53 -23.44
CA ALA A 390 -0.91 7.10 -23.28
C ALA A 390 0.17 6.10 -23.69
N GLY A 391 -0.03 4.84 -23.35
CA GLY A 391 0.84 3.75 -23.75
C GLY A 391 1.93 3.39 -22.75
N GLN A 392 2.11 4.20 -21.71
CA GLN A 392 3.09 3.98 -20.66
C GLN A 392 2.58 4.52 -19.33
N ILE A 393 3.07 3.92 -18.25
CA ILE A 393 2.78 4.38 -16.91
C ILE A 393 4.03 4.17 -16.06
N LYS A 394 4.22 4.99 -15.04
CA LYS A 394 5.26 4.82 -14.05
C LYS A 394 4.62 4.86 -12.69
N THR A 395 4.43 3.69 -12.09
CA THR A 395 3.68 3.65 -10.83
C THR A 395 4.24 2.70 -9.79
N GLY A 396 5.52 2.34 -9.94
CA GLY A 396 6.27 1.71 -8.85
C GLY A 396 6.80 0.32 -9.09
N SER A 397 7.38 -0.23 -8.04
CA SER A 397 7.90 -1.57 -8.10
C SER A 397 6.78 -2.57 -7.90
N LEU A 398 7.15 -3.81 -7.61
CA LEU A 398 6.20 -4.92 -7.51
C LEU A 398 5.91 -5.32 -6.07
N SER A 399 6.05 -4.36 -5.16
CA SER A 399 5.52 -4.51 -3.79
C SER A 399 5.01 -3.18 -3.30
N ARG A 400 4.21 -3.25 -2.24
CA ARG A 400 3.50 -2.15 -1.59
C ARG A 400 2.21 -1.87 -2.32
N THR A 401 1.10 -1.88 -1.60
CA THR A 401 -0.22 -1.64 -2.21
C THR A 401 -0.34 -0.22 -2.76
N ASP A 402 0.44 0.73 -2.24
CA ASP A 402 0.45 2.06 -2.83
C ASP A 402 0.83 2.05 -4.33
N ARG A 403 1.57 1.03 -4.73
CA ARG A 403 1.94 0.78 -6.15
C ARG A 403 1.02 -0.29 -6.74
N ILE A 404 0.89 -1.41 -6.04
CA ILE A 404 0.16 -2.57 -6.56
C ILE A 404 -1.31 -2.24 -6.82
N ALA A 405 -1.91 -1.35 -6.04
CA ALA A 405 -3.31 -0.98 -6.30
C ALA A 405 -3.49 -0.43 -7.71
N LYS A 406 -2.51 0.30 -8.21
CA LYS A 406 -2.62 0.81 -9.59
C LYS A 406 -2.54 -0.32 -10.60
N TYR A 407 -1.61 -1.25 -10.37
CA TYR A 407 -1.52 -2.41 -11.24
C TYR A 407 -2.79 -3.25 -11.23
N ASN A 408 -3.38 -3.43 -10.06
CA ASN A 408 -4.65 -4.17 -9.92
C ASN A 408 -5.76 -3.45 -10.71
N GLN A 409 -5.79 -2.13 -10.63
CA GLN A 409 -6.81 -1.39 -11.38
C GLN A 409 -6.59 -1.56 -12.90
N LEU A 410 -5.35 -1.57 -13.34
CA LEU A 410 -5.05 -1.85 -14.77
C LEU A 410 -5.50 -3.28 -15.14
N LEU A 411 -5.31 -4.24 -14.24
CA LEU A 411 -5.89 -5.57 -14.49
C LEU A 411 -7.39 -5.51 -14.68
N ARG A 412 -8.07 -4.76 -13.82
CA ARG A 412 -9.52 -4.66 -13.93
C ARG A 412 -9.94 -3.99 -15.23
N ILE A 413 -9.22 -2.95 -15.61
CA ILE A 413 -9.52 -2.22 -16.84
C ILE A 413 -9.33 -3.13 -18.06
N GLU A 414 -8.22 -3.85 -18.11
CA GLU A 414 -7.99 -4.78 -19.21
C GLU A 414 -9.05 -5.89 -19.25
N ASP A 415 -9.45 -6.39 -18.08
CA ASP A 415 -10.47 -7.43 -17.99
C ASP A 415 -11.81 -6.90 -18.55
N GLU A 416 -12.17 -5.70 -18.11
CA GLU A 416 -13.44 -5.09 -18.49
C GLU A 416 -13.48 -4.79 -19.99
N LEU A 417 -12.37 -4.32 -20.52
CA LEU A 417 -12.25 -4.05 -21.97
C LEU A 417 -12.36 -5.33 -22.82
N PHE A 418 -11.99 -6.46 -22.23
CA PHE A 418 -12.09 -7.77 -22.89
C PHE A 418 -11.42 -7.76 -24.27
N GLU A 419 -12.15 -8.10 -25.33
CA GLU A 419 -11.56 -8.21 -26.65
C GLU A 419 -11.21 -6.87 -27.29
N THR A 420 -11.62 -5.78 -26.64
CA THR A 420 -11.32 -4.44 -27.16
C THR A 420 -10.02 -3.86 -26.59
N ALA A 421 -9.46 -4.50 -25.57
CA ALA A 421 -8.20 -4.02 -24.97
C ALA A 421 -7.06 -4.14 -25.97
N LYS A 422 -6.13 -3.20 -25.90
CA LYS A 422 -4.88 -3.40 -26.62
C LYS A 422 -3.67 -3.06 -25.77
N TYR A 423 -2.60 -3.80 -25.97
CA TYR A 423 -1.31 -3.55 -25.35
C TYR A 423 -0.35 -3.54 -26.50
N ASP A 424 0.25 -2.40 -26.78
N ASP A 424 0.24 -2.40 -26.79
CA ASP A 424 1.03 -2.21 -28.00
CA ASP A 424 1.04 -2.23 -28.02
C ASP A 424 2.50 -2.58 -27.88
C ASP A 424 2.51 -2.58 -27.89
N GLY A 425 2.94 -2.96 -26.69
CA GLY A 425 4.33 -3.40 -26.49
C GLY A 425 5.32 -2.36 -26.97
N ILE A 426 6.29 -2.79 -27.77
CA ILE A 426 7.30 -1.87 -28.29
C ILE A 426 6.73 -0.76 -29.16
N LYS A 427 5.63 -1.02 -29.82
CA LYS A 427 4.96 0.01 -30.62
C LYS A 427 4.34 1.13 -29.78
N SER A 428 4.30 0.95 -28.47
CA SER A 428 3.92 2.04 -27.57
C SER A 428 4.86 3.23 -27.68
N PHE A 429 6.12 2.98 -28.09
CA PHE A 429 7.12 4.01 -28.22
C PHE A 429 7.06 4.66 -29.59
N TYR A 430 5.93 5.30 -29.86
CA TYR A 430 5.68 5.97 -31.15
C TYR A 430 6.56 7.20 -31.36
N ASN A 431 7.21 7.62 -30.28
CA ASN A 431 8.15 8.74 -30.27
C ASN A 431 9.52 8.36 -30.80
N LEU A 432 9.75 7.06 -30.99
CA LEU A 432 11.05 6.56 -31.47
C LEU A 432 10.96 5.99 -32.89
N ASP A 433 12.07 6.00 -33.61
CA ASP A 433 12.13 5.30 -34.94
C ASP A 433 11.82 3.81 -34.92
N MET B 1 -35.01 -6.70 -5.37
CA MET B 1 -33.68 -6.00 -5.40
C MET B 1 -32.52 -6.81 -4.86
N PRO B 2 -32.70 -7.58 -3.76
CA PRO B 2 -31.54 -8.13 -3.08
C PRO B 2 -30.99 -9.45 -3.63
N ILE B 3 -31.67 -10.10 -4.56
CA ILE B 3 -31.19 -11.38 -5.07
C ILE B 3 -29.86 -11.19 -5.77
N ILE B 4 -28.89 -12.05 -5.46
CA ILE B 4 -27.57 -11.97 -6.10
C ILE B 4 -27.66 -12.45 -7.54
N THR B 5 -27.23 -11.61 -8.47
CA THR B 5 -27.29 -11.92 -9.90
C THR B 5 -25.93 -12.17 -10.55
N ASP B 6 -24.85 -11.79 -9.88
CA ASP B 6 -23.51 -12.03 -10.41
C ASP B 6 -22.51 -12.19 -9.29
N VAL B 7 -21.64 -13.16 -9.46
CA VAL B 7 -20.52 -13.42 -8.54
C VAL B 7 -19.34 -13.70 -9.46
N TYR B 8 -18.29 -12.90 -9.35
CA TYR B 8 -17.18 -12.94 -10.32
C TYR B 8 -15.84 -12.78 -9.61
N ALA B 9 -14.92 -13.69 -9.89
CA ALA B 9 -13.58 -13.66 -9.31
C ALA B 9 -12.53 -13.38 -10.37
N ARG B 10 -11.47 -12.71 -9.94
CA ARG B 10 -10.30 -12.51 -10.77
C ARG B 10 -9.03 -12.62 -9.92
N GLU B 11 -7.90 -12.88 -10.59
CA GLU B 11 -6.60 -12.94 -9.97
C GLU B 11 -5.93 -11.55 -10.00
N VAL B 12 -5.61 -11.03 -8.83
CA VAL B 12 -4.94 -9.74 -8.67
C VAL B 12 -3.69 -9.94 -7.84
N LEU B 13 -3.01 -8.87 -7.44
CA LEU B 13 -1.78 -9.01 -6.63
C LEU B 13 -1.93 -8.40 -5.24
N ASP B 14 -1.25 -9.03 -4.29
CA ASP B 14 -1.16 -8.53 -2.94
C ASP B 14 0.06 -7.64 -2.75
N SER B 15 0.26 -7.17 -1.53
CA SER B 15 1.26 -6.16 -1.24
C SER B 15 2.68 -6.64 -1.29
N ARG B 16 2.86 -7.96 -1.40
CA ARG B 16 4.18 -8.55 -1.55
C ARG B 16 4.46 -8.94 -2.97
N GLY B 17 3.53 -8.64 -3.88
CA GLY B 17 3.68 -9.07 -5.28
C GLY B 17 3.35 -10.53 -5.51
N ASN B 18 2.45 -11.09 -4.70
CA ASN B 18 1.98 -12.47 -4.89
C ASN B 18 0.50 -12.46 -5.28
N PRO B 19 0.10 -13.36 -6.18
CA PRO B 19 -1.32 -13.39 -6.55
C PRO B 19 -2.27 -13.61 -5.40
N THR B 20 -3.45 -13.01 -5.52
CA THR B 20 -4.55 -13.32 -4.61
C THR B 20 -5.89 -13.17 -5.33
N VAL B 21 -6.93 -13.58 -4.61
CA VAL B 21 -8.29 -13.61 -5.12
C VAL B 21 -9.00 -12.28 -4.86
N GLU B 22 -9.66 -11.78 -5.90
CA GLU B 22 -10.62 -10.70 -5.79
C GLU B 22 -11.98 -11.20 -6.22
N VAL B 23 -13.03 -10.84 -5.47
CA VAL B 23 -14.40 -11.21 -5.86
C VAL B 23 -15.30 -10.00 -5.88
N GLU B 24 -16.18 -9.95 -6.89
CA GLU B 24 -17.21 -8.91 -6.97
C GLU B 24 -18.58 -9.55 -7.01
N VAL B 25 -19.51 -8.97 -6.26
CA VAL B 25 -20.88 -9.43 -6.20
C VAL B 25 -21.81 -8.31 -6.61
N LEU B 26 -22.82 -8.65 -7.41
CA LEU B 26 -23.88 -7.71 -7.80
C LEU B 26 -25.24 -8.27 -7.47
N THR B 27 -26.16 -7.38 -7.15
CA THR B 27 -27.57 -7.74 -7.01
C THR B 27 -28.34 -7.25 -8.18
N GLU B 28 -29.58 -7.74 -8.23
CA GLU B 28 -30.50 -7.38 -9.28
C GLU B 28 -30.64 -5.87 -9.42
N SER B 29 -30.66 -5.15 -8.30
CA SER B 29 -30.73 -3.69 -8.33
C SER B 29 -29.43 -2.94 -8.61
N GLY B 30 -28.32 -3.65 -8.72
CA GLY B 30 -27.03 -3.01 -8.97
C GLY B 30 -26.18 -2.73 -7.74
N ALA B 31 -26.61 -3.20 -6.58
CA ALA B 31 -25.75 -3.09 -5.39
C ALA B 31 -24.49 -3.92 -5.66
N PHE B 32 -23.37 -3.45 -5.14
CA PHE B 32 -22.06 -3.95 -5.52
C PHE B 32 -21.18 -4.08 -4.33
N GLY B 33 -20.43 -5.18 -4.27
CA GLY B 33 -19.36 -5.33 -3.28
C GLY B 33 -18.14 -5.97 -3.92
N ARG B 34 -16.95 -5.54 -3.51
CA ARG B 34 -15.68 -6.10 -3.96
C ARG B 34 -14.88 -6.47 -2.72
N ALA B 35 -14.28 -7.65 -2.74
CA ALA B 35 -13.39 -8.09 -1.68
C ALA B 35 -12.10 -8.55 -2.25
N LEU B 36 -11.00 -8.32 -1.52
CA LEU B 36 -9.71 -8.92 -1.86
C LEU B 36 -9.24 -9.70 -0.65
N VAL B 37 -8.61 -10.84 -0.89
CA VAL B 37 -8.21 -11.77 0.18
C VAL B 37 -6.73 -11.61 0.53
N PRO B 38 -6.41 -11.49 1.83
CA PRO B 38 -5.00 -11.37 2.22
C PRO B 38 -4.33 -12.74 2.26
N SER B 39 -3.02 -12.72 2.41
N SER B 39 -3.07 -12.77 2.67
CA SER B 39 -2.18 -13.91 2.24
CA SER B 39 -2.34 -14.02 2.72
C SER B 39 -2.57 -14.88 3.31
C SER B 39 -1.16 -13.93 3.67
N GLY B 40 -2.33 -16.16 3.08
N GLY B 40 -1.03 -14.94 4.50
CA GLY B 40 -2.67 -17.17 4.09
CA GLY B 40 0.02 -14.95 5.49
C GLY B 40 -1.62 -18.28 4.08
C GLY B 40 1.37 -15.37 5.00
N ALA B 41 -2.11 -19.50 4.26
N ALA B 41 2.39 -14.88 5.68
CA ALA B 41 -1.27 -20.69 4.32
CA ALA B 41 3.80 -15.16 5.39
C ALA B 41 -1.96 -21.79 3.54
C ALA B 41 4.17 -16.55 5.87
N SER B 42 -1.18 -22.51 2.72
N SER B 42 3.65 -16.89 7.03
CA SER B 42 -1.72 -23.61 1.90
CA SER B 42 3.83 -18.19 7.61
C SER B 42 -1.65 -24.95 2.63
C SER B 42 2.51 -18.55 8.23
N THR B 43 -1.05 -24.92 3.81
N THR B 43 2.11 -19.80 8.09
CA THR B 43 -1.01 -26.09 4.68
CA THR B 43 0.77 -20.22 8.50
C THR B 43 -1.14 -25.64 6.11
C THR B 43 0.75 -21.19 9.69
N GLY B 44 -1.54 -26.56 6.98
N GLY B 44 -0.22 -20.98 10.58
CA GLY B 44 -1.60 -26.26 8.38
CA GLY B 44 -0.25 -21.68 11.86
C GLY B 44 -2.78 -26.97 9.01
C GLY B 44 -0.64 -23.16 11.91
N GLU B 45 -2.46 -27.92 9.88
N GLU B 45 -1.22 -23.70 10.84
CA GLU B 45 -3.44 -28.87 10.39
CA GLU B 45 -1.74 -25.10 10.85
C GLU B 45 -4.75 -28.26 10.83
C GLU B 45 -2.95 -25.33 11.79
N HIS B 46 -4.71 -27.10 11.47
N HIS B 46 -3.87 -26.22 11.39
CA HIS B 46 -5.91 -26.59 12.14
CA HIS B 46 -5.21 -26.39 12.06
C HIS B 46 -6.44 -25.28 11.58
C HIS B 46 -6.21 -25.31 11.63
N GLU B 47 -5.97 -24.84 10.43
CA GLU B 47 -6.53 -23.63 9.87
C GLU B 47 -7.08 -23.91 8.49
N ALA B 48 -7.75 -22.90 7.95
CA ALA B 48 -8.34 -23.02 6.67
C ALA B 48 -7.23 -22.84 5.66
N VAL B 49 -7.27 -23.57 4.56
CA VAL B 49 -6.16 -23.63 3.58
CA VAL B 49 -6.13 -23.48 3.67
C VAL B 49 -6.42 -22.69 2.40
N GLU B 50 -5.45 -21.87 2.04
CA GLU B 50 -5.56 -21.12 0.80
C GLU B 50 -5.12 -22.08 -0.29
N LEU B 51 -5.77 -21.99 -1.41
CA LEU B 51 -5.44 -22.82 -2.56
C LEU B 51 -4.55 -22.05 -3.51
N ARG B 52 -3.38 -22.61 -3.81
CA ARG B 52 -2.45 -22.08 -4.78
C ARG B 52 -2.31 -23.08 -5.91
N ASP B 53 -1.85 -22.59 -7.05
CA ASP B 53 -1.87 -23.41 -8.27
C ASP B 53 -0.72 -24.39 -8.36
N GLY B 54 0.45 -23.97 -7.91
CA GLY B 54 1.67 -24.78 -8.05
C GLY B 54 2.19 -24.89 -9.47
N ASP B 55 1.75 -24.02 -10.38
CA ASP B 55 2.26 -23.96 -11.75
C ASP B 55 3.51 -23.10 -11.72
N LYS B 56 4.68 -23.72 -11.70
CA LYS B 56 5.91 -22.93 -11.55
C LYS B 56 6.25 -22.03 -12.73
N SER B 57 5.55 -22.21 -13.84
CA SER B 57 5.66 -21.28 -14.99
C SER B 57 4.96 -19.95 -14.78
N ARG B 58 4.18 -19.82 -13.72
CA ARG B 58 3.48 -18.55 -13.40
C ARG B 58 3.68 -18.18 -11.97
N TYR B 59 4.23 -17.00 -11.73
CA TYR B 59 4.33 -16.48 -10.37
C TYR B 59 5.00 -17.46 -9.41
N LEU B 60 5.95 -18.23 -9.94
CA LEU B 60 6.70 -19.16 -9.11
C LEU B 60 5.82 -20.16 -8.38
N GLY B 61 4.70 -20.55 -9.01
CA GLY B 61 3.75 -21.48 -8.44
C GLY B 61 2.70 -20.89 -7.52
N LYS B 62 2.65 -19.56 -7.42
CA LYS B 62 1.75 -18.92 -6.44
C LYS B 62 0.48 -18.34 -7.06
N GLY B 63 0.21 -18.69 -8.32
CA GLY B 63 -1.04 -18.29 -8.96
C GLY B 63 -2.24 -18.78 -8.19
N VAL B 64 -3.37 -18.08 -8.35
CA VAL B 64 -4.62 -18.50 -7.73
C VAL B 64 -5.73 -18.70 -8.74
N THR B 65 -5.36 -19.16 -9.94
CA THR B 65 -6.34 -19.40 -10.98
C THR B 65 -7.34 -20.49 -10.60
N LYS B 66 -6.91 -21.49 -9.84
CA LYS B 66 -7.84 -22.55 -9.44
C LYS B 66 -8.90 -22.04 -8.48
N ALA B 67 -8.46 -21.26 -7.49
CA ALA B 67 -9.40 -20.67 -6.53
C ALA B 67 -10.38 -19.74 -7.28
N VAL B 68 -9.86 -18.95 -8.20
CA VAL B 68 -10.69 -18.07 -9.03
C VAL B 68 -11.72 -18.87 -9.84
N GLU B 69 -11.25 -19.94 -10.47
CA GLU B 69 -12.15 -20.84 -11.20
C GLU B 69 -13.22 -21.47 -10.29
N ASN B 70 -12.83 -21.85 -9.09
CA ASN B 70 -13.76 -22.41 -8.11
C ASN B 70 -14.87 -21.42 -7.80
N VAL B 71 -14.52 -20.14 -7.67
CA VAL B 71 -15.58 -19.12 -7.50
C VAL B 71 -16.47 -19.07 -8.75
N ASN B 72 -15.84 -18.91 -9.91
CA ASN B 72 -16.59 -18.65 -11.12
C ASN B 72 -17.42 -19.84 -11.61
N GLU B 73 -16.90 -21.04 -11.42
CA GLU B 73 -17.51 -22.24 -11.99
CA GLU B 73 -17.52 -22.24 -11.99
C GLU B 73 -18.26 -23.14 -11.00
N ILE B 74 -18.01 -22.94 -9.71
CA ILE B 74 -18.62 -23.81 -8.68
C ILE B 74 -19.47 -23.01 -7.71
N ILE B 75 -18.87 -22.02 -7.04
CA ILE B 75 -19.64 -21.24 -6.06
C ILE B 75 -20.68 -20.35 -6.70
N ALA B 76 -20.29 -19.58 -7.72
CA ALA B 76 -21.17 -18.62 -8.35
C ALA B 76 -22.47 -19.26 -8.86
N PRO B 77 -22.38 -20.37 -9.62
CA PRO B 77 -23.67 -20.93 -10.06
C PRO B 77 -24.54 -21.44 -8.94
N GLU B 78 -23.96 -21.92 -7.86
CA GLU B 78 -24.77 -22.35 -6.72
C GLU B 78 -25.53 -21.16 -6.14
N ILE B 79 -24.84 -20.04 -5.98
CA ILE B 79 -25.48 -18.85 -5.46
C ILE B 79 -26.56 -18.32 -6.39
N ILE B 80 -26.24 -18.20 -7.67
CA ILE B 80 -27.13 -17.58 -8.63
C ILE B 80 -28.33 -18.48 -8.88
N GLU B 81 -28.08 -19.75 -9.07
CA GLU B 81 -29.19 -20.69 -9.30
C GLU B 81 -30.03 -20.87 -8.03
N GLY B 82 -29.42 -20.70 -6.87
CA GLY B 82 -30.13 -20.74 -5.58
C GLY B 82 -30.99 -19.52 -5.26
N GLU B 83 -30.84 -18.45 -6.02
CA GLU B 83 -31.54 -17.18 -5.79
C GLU B 83 -31.40 -16.70 -4.35
N PHE B 84 -30.17 -16.74 -3.86
CA PHE B 84 -29.88 -16.25 -2.52
C PHE B 84 -29.97 -14.73 -2.47
N SER B 85 -30.59 -14.23 -1.41
CA SER B 85 -30.60 -12.82 -1.09
C SER B 85 -29.20 -12.44 -0.59
N VAL B 86 -28.74 -11.28 -1.00
CA VAL B 86 -27.45 -10.75 -0.56
C VAL B 86 -27.43 -10.52 0.96
N LEU B 87 -28.61 -10.38 1.56
CA LEU B 87 -28.73 -10.17 3.00
C LEU B 87 -28.55 -11.45 3.80
N ASP B 88 -28.58 -12.60 3.13
CA ASP B 88 -28.57 -13.86 3.87
C ASP B 88 -27.14 -14.40 4.06
N GLN B 89 -26.36 -13.62 4.79
CA GLN B 89 -24.94 -13.89 4.96
C GLN B 89 -24.65 -15.26 5.56
N VAL B 90 -25.34 -15.59 6.64
CA VAL B 90 -25.05 -16.85 7.32
C VAL B 90 -25.43 -18.02 6.43
N SER B 91 -26.55 -17.91 5.74
N SER B 91 -26.56 -17.90 5.74
CA SER B 91 -26.98 -18.97 4.80
CA SER B 91 -27.00 -18.95 4.83
C SER B 91 -25.95 -19.21 3.72
C SER B 91 -25.97 -19.21 3.73
N ILE B 92 -25.44 -18.13 3.17
CA ILE B 92 -24.47 -18.23 2.08
C ILE B 92 -23.16 -18.83 2.60
N ASP B 93 -22.70 -18.37 3.77
CA ASP B 93 -21.47 -18.90 4.36
C ASP B 93 -21.63 -20.39 4.67
N LYS B 94 -22.77 -20.77 5.24
CA LYS B 94 -23.00 -22.20 5.55
C LYS B 94 -23.06 -23.02 4.26
N MET B 95 -23.67 -22.47 3.22
CA MET B 95 -23.77 -23.17 1.93
C MET B 95 -22.37 -23.44 1.39
N MET B 96 -21.49 -22.44 1.44
CA MET B 96 -20.14 -22.63 0.92
C MET B 96 -19.35 -23.65 1.71
N ILE B 97 -19.49 -23.62 3.02
CA ILE B 97 -18.82 -24.56 3.90
C ILE B 97 -19.24 -25.99 3.53
N ALA B 98 -20.54 -26.17 3.30
CA ALA B 98 -21.05 -27.51 2.93
C ALA B 98 -20.63 -27.90 1.52
N LEU B 99 -20.58 -26.92 0.62
CA LEU B 99 -20.20 -27.15 -0.77
C LEU B 99 -18.77 -27.64 -0.89
N ASP B 100 -17.88 -27.06 -0.08
CA ASP B 100 -16.50 -27.51 -0.03
C ASP B 100 -16.45 -28.89 0.65
N GLY B 101 -17.11 -29.00 1.78
CA GLY B 101 -17.33 -30.29 2.45
C GLY B 101 -16.16 -30.84 3.22
N THR B 102 -15.06 -30.10 3.33
CA THR B 102 -13.89 -30.53 4.09
C THR B 102 -13.66 -29.61 5.29
N PRO B 103 -12.99 -30.11 6.34
CA PRO B 103 -12.84 -29.28 7.53
C PRO B 103 -11.97 -28.03 7.36
N ASN B 104 -11.08 -28.04 6.39
CA ASN B 104 -10.11 -26.96 6.23
C ASN B 104 -10.34 -26.13 4.95
N LYS B 105 -11.50 -26.28 4.32
CA LYS B 105 -11.82 -25.55 3.10
C LYS B 105 -10.82 -25.80 1.97
N GLY B 106 -10.24 -27.01 2.00
CA GLY B 106 -9.15 -27.33 1.09
C GLY B 106 -9.55 -27.75 -0.32
N LYS B 107 -10.82 -27.98 -0.54
CA LYS B 107 -11.31 -28.35 -1.88
C LYS B 107 -11.51 -27.11 -2.74
N LEU B 108 -12.33 -26.18 -2.24
CA LEU B 108 -12.59 -24.94 -2.98
C LEU B 108 -11.53 -23.88 -2.71
N GLY B 109 -10.94 -23.94 -1.53
CA GLY B 109 -9.95 -22.97 -1.07
C GLY B 109 -10.60 -21.94 -0.14
N ALA B 110 -9.94 -21.69 0.98
CA ALA B 110 -10.43 -20.65 1.90
C ALA B 110 -10.38 -19.29 1.23
N ASN B 111 -9.47 -19.12 0.28
CA ASN B 111 -9.36 -17.85 -0.45
C ASN B 111 -10.53 -17.61 -1.40
N ALA B 112 -11.01 -18.66 -2.05
CA ALA B 112 -12.23 -18.58 -2.84
C ALA B 112 -13.43 -18.26 -1.96
N ILE B 113 -13.55 -19.00 -0.86
CA ILE B 113 -14.72 -18.88 0.00
C ILE B 113 -14.76 -17.52 0.69
N LEU B 114 -13.64 -17.07 1.22
CA LEU B 114 -13.66 -15.79 1.92
C LEU B 114 -13.91 -14.61 0.96
N GLY B 115 -13.37 -14.69 -0.24
CA GLY B 115 -13.61 -13.63 -1.22
C GLY B 115 -15.09 -13.43 -1.44
N VAL B 116 -15.84 -14.53 -1.61
CA VAL B 116 -17.26 -14.45 -1.79
C VAL B 116 -17.93 -13.96 -0.51
N SER B 117 -17.54 -14.51 0.63
CA SER B 117 -18.14 -14.15 1.91
C SER B 117 -18.12 -12.64 2.16
N ILE B 118 -16.94 -12.04 1.97
CA ILE B 118 -16.79 -10.60 2.20
C ILE B 118 -17.48 -9.80 1.12
N ALA B 119 -17.35 -10.20 -0.13
CA ALA B 119 -17.98 -9.43 -1.20
C ALA B 119 -19.50 -9.37 -1.04
N VAL B 120 -20.10 -10.47 -0.62
CA VAL B 120 -21.54 -10.50 -0.34
C VAL B 120 -21.91 -9.47 0.74
N ALA B 121 -21.19 -9.47 1.86
CA ALA B 121 -21.51 -8.54 2.94
C ALA B 121 -21.36 -7.10 2.48
N ARG B 122 -20.33 -6.82 1.67
CA ARG B 122 -20.11 -5.46 1.17
C ARG B 122 -21.22 -5.02 0.23
N ALA B 123 -21.69 -5.96 -0.60
CA ALA B 123 -22.82 -5.67 -1.48
C ALA B 123 -24.10 -5.43 -0.67
N ALA B 124 -24.27 -6.17 0.42
CA ALA B 124 -25.46 -6.02 1.27
C ALA B 124 -25.49 -4.65 1.91
N ALA B 125 -24.34 -4.22 2.44
CA ALA B 125 -24.25 -2.89 3.04
C ALA B 125 -24.53 -1.82 1.99
N ASP B 126 -24.04 -2.00 0.77
CA ASP B 126 -24.31 -1.07 -0.34
C ASP B 126 -25.80 -1.03 -0.65
N LEU B 127 -26.43 -2.19 -0.71
CA LEU B 127 -27.89 -2.29 -0.98
C LEU B 127 -28.68 -1.49 0.02
N LEU B 128 -28.33 -1.65 1.29
CA LEU B 128 -29.08 -1.01 2.38
C LEU B 128 -28.69 0.45 2.60
N GLY B 129 -27.60 0.88 1.99
CA GLY B 129 -27.08 2.22 2.25
C GLY B 129 -26.54 2.41 3.66
N GLN B 130 -26.06 1.32 4.24
N GLN B 130 -26.05 1.32 4.24
CA GLN B 130 -25.52 1.34 5.60
CA GLN B 130 -25.50 1.32 5.60
C GLN B 130 -24.00 1.33 5.58
C GLN B 130 -24.00 1.32 5.58
N PRO B 131 -23.38 2.01 6.55
CA PRO B 131 -21.96 1.78 6.76
C PRO B 131 -21.73 0.29 7.04
N LEU B 132 -20.61 -0.24 6.57
CA LEU B 132 -20.41 -1.69 6.69
C LEU B 132 -20.38 -2.12 8.16
N TYR B 133 -19.77 -1.30 9.02
CA TYR B 133 -19.68 -1.67 10.44
C TYR B 133 -21.08 -1.78 11.10
N LYS B 134 -22.04 -1.01 10.65
N LYS B 134 -22.01 -0.95 10.66
CA LYS B 134 -23.41 -1.08 11.17
CA LYS B 134 -23.41 -0.97 11.12
C LYS B 134 -24.18 -2.24 10.56
C LYS B 134 -24.15 -2.19 10.57
N TYR B 135 -23.96 -2.49 9.28
CA TYR B 135 -24.54 -3.70 8.69
C TYR B 135 -24.05 -4.95 9.43
N LEU B 136 -22.74 -5.01 9.66
CA LEU B 136 -22.13 -6.20 10.25
C LEU B 136 -22.46 -6.36 11.71
N GLY B 137 -22.42 -5.25 12.45
CA GLY B 137 -22.52 -5.28 13.92
C GLY B 137 -23.77 -4.71 14.54
N GLY B 138 -24.66 -4.16 13.73
CA GLY B 138 -25.88 -3.56 14.26
C GLY B 138 -25.67 -2.12 14.68
N PHE B 139 -26.72 -1.52 15.22
CA PHE B 139 -26.74 -0.07 15.39
C PHE B 139 -25.68 0.46 16.36
N ASN B 140 -25.21 -0.39 17.26
CA ASN B 140 -24.37 0.04 18.36
C ASN B 140 -22.89 -0.20 18.12
N GLY B 141 -22.53 -0.51 16.89
CA GLY B 141 -21.12 -0.60 16.51
C GLY B 141 -20.54 0.79 16.41
N LYS B 142 -19.66 1.12 17.35
CA LYS B 142 -19.22 2.52 17.51
C LYS B 142 -17.87 2.71 18.15
N GLN B 143 -17.23 1.61 18.58
CA GLN B 143 -15.98 1.72 19.34
C GLN B 143 -14.80 1.58 18.41
N LEU B 144 -13.98 2.63 18.33
CA LEU B 144 -12.76 2.58 17.54
C LEU B 144 -11.71 1.82 18.31
N PRO B 145 -10.88 1.05 17.58
CA PRO B 145 -9.86 0.23 18.24
C PRO B 145 -8.61 1.00 18.60
N VAL B 146 -8.00 0.60 19.71
CA VAL B 146 -6.60 0.95 19.97
C VAL B 146 -5.76 0.16 18.99
N PRO B 147 -4.92 0.84 18.20
CA PRO B 147 -4.11 0.13 17.22
C PRO B 147 -2.81 -0.35 17.82
N MET B 148 -2.46 -1.61 17.58
CA MET B 148 -1.12 -2.07 17.97
C MET B 148 -0.29 -1.99 16.71
N MET B 149 0.66 -1.08 16.73
CA MET B 149 1.37 -0.65 15.53
C MET B 149 2.76 -1.23 15.48
N ASN B 150 3.00 -2.08 14.49
CA ASN B 150 4.34 -2.62 14.23
C ASN B 150 5.32 -1.48 14.16
N ILE B 151 6.49 -1.64 14.76
CA ILE B 151 7.52 -0.63 14.58
C ILE B 151 8.91 -1.22 14.35
N VAL B 152 9.26 -2.29 15.04
CA VAL B 152 10.54 -2.96 14.87
C VAL B 152 10.36 -4.45 14.74
N ASN B 153 11.07 -5.06 13.81
CA ASN B 153 10.99 -6.46 13.58
C ASN B 153 12.29 -7.16 13.91
N GLY B 154 12.15 -8.38 14.38
CA GLY B 154 13.26 -9.26 14.74
C GLY B 154 13.07 -10.68 14.26
N GLY B 155 13.73 -11.62 14.93
CA GLY B 155 13.50 -13.03 14.65
C GLY B 155 13.81 -13.36 13.20
N SER B 156 12.90 -14.09 12.55
CA SER B 156 13.11 -14.48 11.15
C SER B 156 12.81 -13.33 10.16
N HIS B 157 12.36 -12.19 10.69
CA HIS B 157 12.07 -11.00 9.89
C HIS B 157 13.16 -9.97 10.01
N SER B 158 14.35 -10.40 10.42
CA SER B 158 15.47 -9.50 10.60
C SER B 158 16.76 -10.28 10.69
N ASP B 159 17.86 -9.55 10.56
CA ASP B 159 19.20 -10.14 10.70
C ASP B 159 19.87 -9.75 12.02
N ALA B 160 19.20 -8.93 12.83
CA ALA B 160 19.74 -8.53 14.14
C ALA B 160 19.63 -9.68 15.16
N PRO B 161 20.48 -9.68 16.20
CA PRO B 161 20.50 -10.71 17.27
C PRO B 161 19.35 -10.58 18.29
N ILE B 162 18.14 -10.77 17.78
CA ILE B 162 16.89 -10.56 18.52
C ILE B 162 15.97 -11.71 18.17
N ALA B 163 15.50 -12.44 19.18
CA ALA B 163 14.65 -13.61 18.95
C ALA B 163 13.19 -13.21 18.66
N PHE B 164 12.70 -12.19 19.34
CA PHE B 164 11.27 -11.83 19.14
C PHE B 164 11.06 -11.29 17.74
N GLN B 165 9.93 -11.67 17.15
CA GLN B 165 9.62 -11.31 15.77
C GLN B 165 9.18 -9.86 15.59
N GLU B 166 8.45 -9.33 16.56
CA GLU B 166 7.87 -8.01 16.39
C GLU B 166 7.74 -7.23 17.70
N PHE B 167 8.03 -5.94 17.60
CA PHE B 167 7.82 -4.97 18.66
C PHE B 167 6.84 -3.93 18.14
N MET B 168 5.89 -3.56 18.99
CA MET B 168 4.80 -2.65 18.63
C MET B 168 4.67 -1.52 19.63
N ILE B 169 4.07 -0.42 19.17
CA ILE B 169 3.63 0.65 20.06
C ILE B 169 2.12 0.68 20.06
N LEU B 170 1.55 1.10 21.19
CA LEU B 170 0.09 1.18 21.37
C LEU B 170 -0.23 2.53 21.99
N PRO B 171 -0.88 3.45 21.22
CA PRO B 171 -1.24 4.78 21.72
C PRO B 171 -2.53 4.74 22.54
N VAL B 172 -2.44 4.04 23.68
N VAL B 172 -2.45 4.04 23.67
CA VAL B 172 -3.62 3.77 24.50
CA VAL B 172 -3.59 3.77 24.51
C VAL B 172 -4.20 5.04 25.13
C VAL B 172 -4.20 5.06 25.08
N GLY B 173 -3.35 6.03 25.41
CA GLY B 173 -3.79 7.23 26.15
C GLY B 173 -4.45 8.34 25.35
N ALA B 174 -4.55 8.14 24.05
CA ALA B 174 -5.20 9.14 23.20
C ALA B 174 -6.69 9.18 23.47
N THR B 175 -7.32 10.32 23.15
CA THR B 175 -8.74 10.50 23.40
C THR B 175 -9.60 10.05 22.23
N THR B 176 -9.02 9.97 21.05
CA THR B 176 -9.72 9.56 19.82
C THR B 176 -8.79 8.69 19.00
N PHE B 177 -9.36 7.90 18.09
CA PHE B 177 -8.53 7.16 17.19
C PHE B 177 -7.68 8.10 16.30
N LYS B 178 -8.28 9.18 15.83
CA LYS B 178 -7.59 10.14 14.96
C LYS B 178 -6.33 10.68 15.64
N GLU B 179 -6.43 11.02 16.92
CA GLU B 179 -5.26 11.47 17.67
CA GLU B 179 -5.26 11.46 17.71
C GLU B 179 -4.26 10.32 17.87
N SER B 180 -4.76 9.11 18.16
CA SER B 180 -3.89 7.93 18.35
C SER B 180 -3.04 7.67 17.13
N LEU B 181 -3.63 7.85 15.95
CA LEU B 181 -2.94 7.62 14.69
C LEU B 181 -1.80 8.64 14.49
N ARG B 182 -2.09 9.89 14.82
CA ARG B 182 -1.07 10.93 14.75
C ARG B 182 0.08 10.61 15.70
N TRP B 183 -0.23 10.23 16.93
CA TRP B 183 0.82 9.87 17.89
C TRP B 183 1.75 8.80 17.32
N GLY B 184 1.15 7.73 16.79
CA GLY B 184 1.94 6.66 16.25
C GLY B 184 2.83 7.10 15.10
N THR B 185 2.29 7.91 14.20
N THR B 185 2.29 7.89 14.22
CA THR B 185 3.09 8.38 13.05
CA THR B 185 3.01 8.40 13.07
C THR B 185 4.24 9.24 13.52
C THR B 185 4.20 9.27 13.51
N GLU B 186 3.98 10.13 14.48
CA GLU B 186 5.04 10.99 15.02
C GLU B 186 6.15 10.17 15.64
N ILE B 187 5.78 9.12 16.36
CA ILE B 187 6.76 8.21 16.96
C ILE B 187 7.56 7.48 15.87
N PHE B 188 6.87 6.99 14.85
CA PHE B 188 7.50 6.32 13.72
C PHE B 188 8.54 7.21 13.06
N HIS B 189 8.18 8.45 12.75
CA HIS B 189 9.13 9.37 12.11
C HIS B 189 10.30 9.70 13.04
N ASN B 190 10.02 9.85 14.33
CA ASN B 190 11.11 10.10 15.29
C ASN B 190 12.08 8.91 15.36
N LEU B 191 11.55 7.70 15.35
CA LEU B 191 12.41 6.52 15.36
C LEU B 191 13.26 6.49 14.10
N LYS B 192 12.65 6.81 12.97
CA LYS B 192 13.37 6.80 11.71
C LYS B 192 14.59 7.73 11.81
N SER B 193 14.37 8.91 12.36
N SER B 193 14.38 8.90 12.38
CA SER B 193 15.43 9.90 12.54
CA SER B 193 15.47 9.89 12.54
C SER B 193 16.54 9.36 13.45
C SER B 193 16.56 9.34 13.45
N ILE B 194 16.15 8.74 14.55
CA ILE B 194 17.10 8.14 15.49
C ILE B 194 17.93 7.07 14.81
N LEU B 195 17.26 6.20 14.06
CA LEU B 195 17.96 5.15 13.32
C LEU B 195 18.96 5.71 12.31
N SER B 196 18.52 6.69 11.54
N SER B 196 18.53 6.68 11.53
CA SER B 196 19.38 7.33 10.52
CA SER B 196 19.41 7.31 10.53
C SER B 196 20.65 7.91 11.15
C SER B 196 20.67 7.88 11.18
N LYS B 197 20.48 8.61 12.26
CA LYS B 197 21.62 9.24 12.99
C LYS B 197 22.58 8.17 13.54
N ARG B 198 22.07 7.00 13.88
CA ARG B 198 22.91 5.87 14.31
C ARG B 198 23.52 5.04 13.17
N GLY B 199 23.21 5.42 11.94
CA GLY B 199 23.68 4.71 10.76
C GLY B 199 23.03 3.36 10.53
N LEU B 200 21.81 3.19 11.08
CA LEU B 200 21.06 1.96 10.91
C LEU B 200 20.06 2.08 9.77
N GLU B 201 19.60 0.93 9.28
CA GLU B 201 18.76 0.87 8.09
C GLU B 201 17.34 1.31 8.37
N THR B 202 16.79 2.10 7.44
CA THR B 202 15.43 2.65 7.59
C THR B 202 14.50 2.19 6.49
N ALA B 203 14.96 1.33 5.59
CA ALA B 203 14.06 0.66 4.63
C ALA B 203 13.09 -0.22 5.39
N VAL B 204 11.95 -0.52 4.77
CA VAL B 204 10.87 -1.20 5.52
C VAL B 204 10.60 -2.62 5.08
N GLY B 205 9.97 -3.36 5.99
CA GLY B 205 9.57 -4.71 5.74
C GLY B 205 8.12 -4.81 5.30
N ASP B 206 7.60 -6.03 5.34
CA ASP B 206 6.27 -6.30 4.78
C ASP B 206 5.18 -5.50 5.44
N GLU B 207 5.32 -5.23 6.74
CA GLU B 207 4.31 -4.48 7.49
C GLU B 207 4.56 -2.97 7.60
N GLY B 208 5.61 -2.47 6.96
CA GLY B 208 5.89 -1.04 6.90
C GLY B 208 6.77 -0.49 7.99
N GLY B 209 7.33 -1.38 8.80
CA GLY B 209 8.19 -1.01 9.92
C GLY B 209 9.64 -1.29 9.61
N PHE B 210 10.47 -1.13 10.64
CA PHE B 210 11.92 -1.26 10.47
C PHE B 210 12.46 -2.58 10.98
N ALA B 211 13.63 -2.98 10.47
CA ALA B 211 14.33 -4.18 11.00
C ALA B 211 15.81 -3.85 11.16
N PRO B 212 16.10 -2.92 12.07
CA PRO B 212 17.48 -2.41 12.20
C PRO B 212 18.39 -3.38 12.90
N LYS B 213 19.69 -3.21 12.65
CA LYS B 213 20.73 -4.05 13.31
C LYS B 213 21.02 -3.51 14.71
N PHE B 214 20.04 -3.62 15.60
CA PHE B 214 20.23 -3.35 17.01
C PHE B 214 21.20 -4.36 17.64
N GLU B 215 21.71 -4.01 18.82
CA GLU B 215 22.63 -4.90 19.55
C GLU B 215 21.92 -6.11 20.18
N GLY B 216 20.60 -5.98 20.38
CA GLY B 216 19.81 -7.00 21.02
C GLY B 216 18.46 -6.44 21.44
N THR B 217 17.73 -7.23 22.19
CA THR B 217 16.36 -6.91 22.59
C THR B 217 16.27 -5.65 23.43
N GLU B 218 17.17 -5.49 24.40
CA GLU B 218 17.12 -4.28 25.23
C GLU B 218 17.38 -3.00 24.43
N ASP B 219 18.35 -3.04 23.52
CA ASP B 219 18.65 -1.92 22.61
C ASP B 219 17.38 -1.56 21.81
N ALA B 220 16.75 -2.57 21.22
CA ALA B 220 15.53 -2.31 20.43
C ALA B 220 14.45 -1.64 21.27
N VAL B 221 14.15 -2.22 22.43
CA VAL B 221 13.12 -1.71 23.31
C VAL B 221 13.44 -0.30 23.76
N GLU B 222 14.67 -0.09 24.23
CA GLU B 222 15.03 1.23 24.76
C GLU B 222 15.04 2.30 23.67
N THR B 223 15.37 1.91 22.46
CA THR B 223 15.36 2.84 21.34
C THR B 223 13.94 3.23 20.97
N ILE B 224 13.02 2.26 21.00
CA ILE B 224 11.61 2.58 20.75
C ILE B 224 11.12 3.55 21.83
N ILE B 225 11.48 3.28 23.08
CA ILE B 225 11.10 4.19 24.18
C ILE B 225 11.66 5.59 23.96
N GLN B 226 12.91 5.66 23.50
CA GLN B 226 13.54 6.93 23.15
C GLN B 226 12.72 7.71 22.10
N ALA B 227 12.22 6.99 21.10
CA ALA B 227 11.39 7.59 20.06
C ALA B 227 10.05 8.10 20.58
N ILE B 228 9.43 7.31 21.47
CA ILE B 228 8.20 7.71 22.11
C ILE B 228 8.38 9.03 22.84
N GLU B 229 9.48 9.10 23.60
CA GLU B 229 9.79 10.32 24.37
C GLU B 229 10.14 11.50 23.48
N ALA B 230 10.93 11.25 22.45
CA ALA B 230 11.32 12.30 21.51
C ALA B 230 10.15 12.90 20.77
N ALA B 231 9.13 12.06 20.53
CA ALA B 231 7.88 12.52 19.95
C ALA B 231 6.97 13.27 20.92
N GLY B 232 7.30 13.23 22.20
CA GLY B 232 6.62 14.00 23.24
C GLY B 232 5.60 13.23 24.04
N TYR B 233 5.67 11.90 24.00
CA TYR B 233 4.68 11.06 24.69
C TYR B 233 5.27 10.32 25.87
N LYS B 234 4.42 9.97 26.81
CA LYS B 234 4.84 9.29 28.04
C LYS B 234 4.74 7.76 27.95
N PRO B 235 5.87 7.07 27.94
CA PRO B 235 5.83 5.62 27.94
C PRO B 235 5.21 5.11 29.22
N GLY B 236 4.35 4.12 29.10
CA GLY B 236 3.70 3.54 30.28
C GLY B 236 2.52 4.31 30.82
N GLU B 237 2.10 5.34 30.09
CA GLU B 237 0.90 6.09 30.40
C GLU B 237 0.13 6.43 29.13
N GLU B 238 0.78 7.14 28.22
CA GLU B 238 0.18 7.48 26.94
C GLU B 238 0.42 6.40 25.88
N VAL B 239 1.60 5.82 25.89
CA VAL B 239 2.00 4.86 24.87
C VAL B 239 2.67 3.66 25.55
N PHE B 240 2.21 2.48 25.19
CA PHE B 240 2.76 1.24 25.70
C PHE B 240 3.44 0.46 24.59
N LEU B 241 4.18 -0.56 24.99
CA LEU B 241 4.82 -1.46 24.06
C LEU B 241 4.07 -2.77 23.99
N GLY B 242 4.22 -3.44 22.86
CA GLY B 242 3.79 -4.82 22.69
C GLY B 242 4.85 -5.67 22.03
N PHE B 243 4.81 -6.98 22.30
CA PHE B 243 5.61 -7.98 21.56
C PHE B 243 4.73 -8.93 20.77
N ASP B 244 5.26 -9.40 19.63
CA ASP B 244 4.91 -10.71 19.04
C ASP B 244 6.20 -11.54 19.08
N CYS B 245 6.27 -12.41 20.08
CA CYS B 245 7.45 -13.21 20.29
C CYS B 245 7.61 -14.26 19.21
N ALA B 246 6.48 -14.71 18.65
CA ALA B 246 6.44 -15.83 17.70
C ALA B 246 7.34 -16.94 18.21
N SER B 247 7.12 -17.29 19.46
CA SER B 247 8.07 -18.18 20.17
C SER B 247 8.14 -19.58 19.58
N SER B 248 7.12 -20.02 18.86
CA SER B 248 7.16 -21.32 18.17
C SER B 248 8.37 -21.40 17.23
N GLU B 249 8.80 -20.26 16.70
CA GLU B 249 9.91 -20.24 15.74
C GLU B 249 11.28 -20.48 16.38
N PHE B 250 11.37 -20.44 17.70
CA PHE B 250 12.63 -20.81 18.37
C PHE B 250 12.50 -21.83 19.50
N TYR B 251 11.35 -22.49 19.56
CA TYR B 251 11.10 -23.55 20.54
C TYR B 251 11.33 -24.90 19.87
N GLU B 252 12.12 -25.73 20.53
CA GLU B 252 12.29 -27.10 20.08
C GLU B 252 12.72 -27.99 21.22
N ASN B 253 12.15 -29.17 21.29
CA ASN B 253 12.51 -30.17 22.29
C ASN B 253 12.49 -29.59 23.68
N GLY B 254 11.42 -28.87 24.00
CA GLY B 254 11.21 -28.37 25.36
C GLY B 254 12.07 -27.17 25.73
N VAL B 255 12.75 -26.57 24.76
CA VAL B 255 13.64 -25.45 25.02
C VAL B 255 13.28 -24.24 24.16
N TYR B 256 13.17 -23.09 24.82
CA TYR B 256 13.11 -21.80 24.14
C TYR B 256 14.55 -21.38 23.85
N ASP B 257 14.97 -21.70 22.64
CA ASP B 257 16.38 -21.59 22.23
C ASP B 257 16.67 -20.26 21.55
N TYR B 258 17.06 -19.30 22.35
CA TYR B 258 17.34 -17.94 21.88
C TYR B 258 18.61 -17.91 21.02
N SER B 259 19.45 -18.94 21.11
CA SER B 259 20.63 -19.05 20.25
C SER B 259 20.29 -19.20 18.77
N LYS B 260 19.05 -19.59 18.46
CA LYS B 260 18.63 -19.66 17.06
C LYS B 260 18.73 -18.31 16.35
N PHE B 261 18.43 -17.24 17.07
CA PHE B 261 18.47 -15.86 16.51
C PHE B 261 19.49 -14.91 17.15
N GLU B 262 19.94 -15.20 18.37
CA GLU B 262 20.72 -14.25 19.16
C GLU B 262 22.19 -14.66 19.29
N GLY B 263 22.62 -15.55 18.40
CA GLY B 263 24.03 -15.99 18.37
C GLY B 263 24.31 -17.14 19.30
N GLU B 264 25.56 -17.60 19.26
CA GLU B 264 25.98 -18.79 20.00
C GLU B 264 25.79 -18.70 21.50
N HIS B 265 25.92 -17.51 22.06
CA HIS B 265 25.82 -17.32 23.52
C HIS B 265 24.38 -17.11 24.01
N GLY B 266 23.40 -17.18 23.11
CA GLY B 266 22.01 -16.88 23.46
C GLY B 266 21.38 -17.95 24.33
N ALA B 267 20.57 -17.52 25.28
CA ALA B 267 20.08 -18.40 26.34
C ALA B 267 19.18 -19.51 25.82
N LYS B 268 19.31 -20.66 26.45
CA LYS B 268 18.44 -21.79 26.19
C LYS B 268 17.58 -21.90 27.43
N ARG B 269 16.31 -21.51 27.29
CA ARG B 269 15.43 -21.38 28.43
C ARG B 269 14.41 -22.48 28.49
N THR B 270 14.24 -23.05 29.68
CA THR B 270 13.12 -23.94 29.91
C THR B 270 11.84 -23.10 29.87
N ALA B 271 10.69 -23.76 29.82
CA ALA B 271 9.41 -23.06 29.92
C ALA B 271 9.33 -22.20 31.19
N ALA B 272 9.84 -22.71 32.31
CA ALA B 272 9.84 -21.93 33.55
C ALA B 272 10.71 -20.68 33.43
N GLU B 273 11.88 -20.83 32.80
CA GLU B 273 12.80 -19.72 32.62
C GLU B 273 12.24 -18.70 31.61
N GLN B 274 11.52 -19.21 30.61
CA GLN B 274 10.82 -18.37 29.61
C GLN B 274 9.77 -17.47 30.26
N VAL B 275 8.95 -18.06 31.11
CA VAL B 275 8.00 -17.29 31.90
C VAL B 275 8.71 -16.27 32.79
N ASP B 276 9.77 -16.69 33.50
CA ASP B 276 10.54 -15.75 34.31
C ASP B 276 11.06 -14.55 33.49
N TYR B 277 11.54 -14.85 32.29
CA TYR B 277 12.13 -13.87 31.41
C TYR B 277 11.07 -12.86 30.93
N LEU B 278 9.93 -13.38 30.49
CA LEU B 278 8.84 -12.47 30.08
C LEU B 278 8.37 -11.60 31.23
N GLU B 279 8.26 -12.20 32.43
CA GLU B 279 7.90 -11.44 33.63
C GLU B 279 8.91 -10.32 33.94
N GLN B 280 10.19 -10.64 33.84
CA GLN B 280 11.25 -9.66 34.02
C GLN B 280 11.10 -8.50 33.04
N LEU B 281 10.81 -8.82 31.78
CA LEU B 281 10.64 -7.77 30.77
C LEU B 281 9.46 -6.86 31.06
N VAL B 282 8.31 -7.45 31.44
CA VAL B 282 7.14 -6.63 31.75
C VAL B 282 7.27 -5.82 33.03
N ASP B 283 8.15 -6.29 33.94
CA ASP B 283 8.46 -5.51 35.13
C ASP B 283 9.40 -4.35 34.83
N LYS B 284 10.26 -4.53 33.84
CA LYS B 284 11.25 -3.51 33.51
C LYS B 284 10.73 -2.45 32.54
N TYR B 285 9.88 -2.87 31.62
CA TYR B 285 9.45 -2.02 30.51
C TYR B 285 7.93 -1.96 30.45
N PRO B 286 7.38 -0.88 29.86
CA PRO B 286 5.94 -0.69 29.80
C PRO B 286 5.26 -1.53 28.71
N ILE B 287 5.25 -2.83 28.94
CA ILE B 287 4.71 -3.79 28.00
C ILE B 287 3.30 -4.18 28.42
N ILE B 288 2.33 -3.94 27.54
CA ILE B 288 0.92 -4.21 27.87
C ILE B 288 0.38 -5.46 27.18
N THR B 289 1.08 -5.96 26.16
CA THR B 289 0.60 -7.10 25.38
C THR B 289 1.76 -7.92 24.82
N ILE B 290 1.59 -9.24 24.90
CA ILE B 290 2.55 -10.19 24.38
C ILE B 290 1.81 -11.26 23.59
N GLU B 291 2.19 -11.40 22.33
CA GLU B 291 1.59 -12.39 21.44
C GLU B 291 2.54 -13.58 21.31
N ASP B 292 1.97 -14.77 21.46
CA ASP B 292 2.69 -16.03 21.25
C ASP B 292 4.00 -16.08 22.05
N GLY B 293 3.90 -15.71 23.32
CA GLY B 293 5.05 -15.72 24.23
C GLY B 293 5.52 -17.13 24.56
N MET B 294 4.59 -18.08 24.44
CA MET B 294 4.90 -19.49 24.66
C MET B 294 4.56 -20.23 23.37
N ASP B 295 5.17 -21.39 23.21
CA ASP B 295 5.01 -22.16 22.00
C ASP B 295 3.56 -22.62 21.77
N GLU B 296 3.22 -22.82 20.50
CA GLU B 296 1.85 -23.15 20.10
C GLU B 296 1.32 -24.45 20.73
N ASN B 297 2.24 -25.34 21.11
CA ASN B 297 1.86 -26.61 21.76
C ASN B 297 2.24 -26.69 23.23
N ASP B 298 2.83 -25.64 23.78
CA ASP B 298 3.26 -25.63 25.18
C ASP B 298 2.13 -25.08 26.06
N TRP B 299 1.08 -25.86 26.21
CA TRP B 299 -0.10 -25.45 26.97
C TRP B 299 0.19 -25.30 28.45
N ASP B 300 1.03 -26.19 28.99
CA ASP B 300 1.46 -26.03 30.37
C ASP B 300 2.19 -24.69 30.58
N GLY B 301 3.05 -24.32 29.63
CA GLY B 301 3.79 -23.06 29.71
C GLY B 301 2.88 -21.85 29.56
N TRP B 302 1.93 -21.96 28.65
CA TRP B 302 0.90 -20.90 28.51
C TRP B 302 0.12 -20.70 29.81
N LYS B 303 -0.24 -21.80 30.47
CA LYS B 303 -0.94 -21.71 31.74
C LYS B 303 -0.10 -20.98 32.78
N GLN B 304 1.17 -21.33 32.88
CA GLN B 304 2.06 -20.69 33.85
C GLN B 304 2.23 -19.21 33.54
N LEU B 305 2.39 -18.89 32.26
CA LEU B 305 2.50 -17.50 31.84
C LEU B 305 1.25 -16.69 32.20
N THR B 306 0.09 -17.28 31.95
CA THR B 306 -1.17 -16.64 32.24
C THR B 306 -1.37 -16.41 33.72
N GLU B 307 -1.06 -17.43 34.53
CA GLU B 307 -1.10 -17.26 35.99
C GLU B 307 -0.11 -16.20 36.47
N ARG B 308 1.05 -16.12 35.83
CA ARG B 308 2.09 -15.22 36.29
C ARG B 308 1.80 -13.76 36.02
N ILE B 309 1.41 -13.42 34.78
CA ILE B 309 1.24 -12.01 34.41
C ILE B 309 -0.07 -11.65 33.72
N GLY B 310 -0.93 -12.64 33.53
CA GLY B 310 -2.20 -12.44 32.80
C GLY B 310 -3.18 -11.47 33.42
N ASP B 311 -3.03 -11.20 34.72
CA ASP B 311 -3.87 -10.20 35.38
C ASP B 311 -3.57 -8.76 34.93
N ARG B 312 -2.35 -8.52 34.43
CA ARG B 312 -1.90 -7.17 34.12
C ARG B 312 -1.27 -6.99 32.73
N VAL B 313 -1.11 -8.09 32.01
CA VAL B 313 -0.57 -8.07 30.63
C VAL B 313 -1.46 -8.92 29.74
N GLN B 314 -1.81 -8.37 28.58
CA GLN B 314 -2.57 -9.13 27.59
C GLN B 314 -1.68 -10.19 26.96
N LEU B 315 -2.24 -11.39 26.83
CA LEU B 315 -1.55 -12.54 26.32
C LEU B 315 -2.33 -13.07 25.14
N VAL B 316 -1.82 -12.76 23.95
CA VAL B 316 -2.53 -13.00 22.70
C VAL B 316 -2.09 -14.30 22.07
N GLY B 317 -3.04 -15.21 21.88
CA GLY B 317 -2.81 -16.39 21.07
C GLY B 317 -3.01 -16.11 19.60
N ASP B 318 -1.96 -16.34 18.80
CA ASP B 318 -2.05 -16.28 17.34
C ASP B 318 -1.87 -17.69 16.81
N ASP B 319 -0.63 -18.14 16.71
CA ASP B 319 -0.35 -19.55 16.36
C ASP B 319 -1.01 -20.51 17.35
N LEU B 320 -1.18 -20.08 18.59
CA LEU B 320 -1.85 -20.90 19.60
C LEU B 320 -3.26 -21.32 19.16
N PHE B 321 -4.03 -20.36 18.63
CA PHE B 321 -5.46 -20.57 18.36
C PHE B 321 -5.84 -20.69 16.89
N VAL B 322 -5.03 -20.10 16.03
N VAL B 322 -5.00 -20.16 16.01
CA VAL B 322 -5.25 -20.10 14.59
CA VAL B 322 -5.24 -20.06 14.55
C VAL B 322 -6.70 -19.83 14.18
C VAL B 322 -6.69 -19.80 14.16
N THR B 323 -7.31 -18.83 14.83
CA THR B 323 -8.69 -18.41 14.59
C THR B 323 -9.67 -19.60 14.54
N ASN B 324 -9.43 -20.55 15.43
CA ASN B 324 -10.16 -21.85 15.44
C ASN B 324 -10.95 -21.92 16.76
N THR B 325 -12.27 -21.86 16.68
CA THR B 325 -13.12 -21.84 17.88
C THR B 325 -13.03 -23.11 18.71
N GLU B 326 -12.71 -24.23 18.07
CA GLU B 326 -12.48 -25.44 18.89
C GLU B 326 -11.25 -25.32 19.77
N ILE B 327 -10.17 -24.76 19.21
CA ILE B 327 -8.95 -24.57 19.97
C ILE B 327 -9.18 -23.44 20.97
N LEU B 328 -9.82 -22.35 20.54
CA LEU B 328 -10.12 -21.26 21.47
C LEU B 328 -10.92 -21.75 22.67
N ALA B 329 -11.96 -22.55 22.41
CA ALA B 329 -12.79 -23.07 23.50
C ALA B 329 -11.94 -23.88 24.49
N LYS B 330 -11.03 -24.69 23.97
CA LYS B 330 -10.10 -25.45 24.82
C LYS B 330 -9.23 -24.50 25.65
N GLY B 331 -8.75 -23.44 25.01
CA GLY B 331 -7.97 -22.44 25.72
C GLY B 331 -8.73 -21.80 26.86
N ILE B 332 -9.96 -21.38 26.57
CA ILE B 332 -10.81 -20.73 27.56
C ILE B 332 -11.04 -21.65 28.75
N GLU B 333 -11.36 -22.89 28.45
CA GLU B 333 -11.68 -23.89 29.49
C GLU B 333 -10.49 -24.16 30.39
N ASN B 334 -9.29 -24.02 29.85
CA ASN B 334 -8.05 -24.29 30.58
C ASN B 334 -7.30 -23.09 31.14
N GLY B 335 -7.89 -21.90 30.99
CA GLY B 335 -7.27 -20.68 31.52
C GLY B 335 -6.03 -20.24 30.78
N ILE B 336 -6.06 -20.41 29.45
CA ILE B 336 -4.91 -20.20 28.57
C ILE B 336 -5.05 -18.88 27.81
N GLY B 337 -4.15 -17.93 28.05
CA GLY B 337 -4.19 -16.60 27.40
C GLY B 337 -5.37 -15.76 27.84
N ASN B 338 -5.49 -14.57 27.26
CA ASN B 338 -6.68 -13.72 27.52
C ASN B 338 -7.06 -12.86 26.34
N SER B 339 -6.58 -13.30 25.18
CA SER B 339 -6.78 -12.57 23.91
C SER B 339 -6.52 -13.51 22.77
N ILE B 340 -7.16 -13.22 21.64
CA ILE B 340 -6.95 -14.02 20.41
C ILE B 340 -6.77 -13.07 19.24
N LEU B 341 -5.80 -13.36 18.40
CA LEU B 341 -5.61 -12.66 17.13
C LEU B 341 -6.54 -13.27 16.08
N ILE B 342 -7.42 -12.45 15.53
CA ILE B 342 -8.47 -12.91 14.64
C ILE B 342 -8.07 -12.60 13.19
N LYS B 343 -7.83 -13.65 12.43
CA LYS B 343 -7.43 -13.56 11.02
C LYS B 343 -8.57 -14.13 10.19
N VAL B 344 -9.31 -13.23 9.53
N VAL B 344 -9.28 -13.24 9.50
CA VAL B 344 -10.47 -13.62 8.70
CA VAL B 344 -10.45 -13.62 8.74
C VAL B 344 -10.13 -14.78 7.76
C VAL B 344 -10.16 -14.75 7.74
N ASN B 345 -8.99 -14.70 7.09
CA ASN B 345 -8.69 -15.73 6.08
C ASN B 345 -8.19 -17.05 6.64
N GLN B 346 -7.83 -17.05 7.91
CA GLN B 346 -7.44 -18.27 8.62
C GLN B 346 -8.61 -19.16 8.93
N ILE B 347 -9.81 -18.58 9.00
CA ILE B 347 -11.03 -19.37 9.18
C ILE B 347 -11.88 -19.43 7.92
N GLY B 348 -12.00 -18.31 7.21
CA GLY B 348 -12.49 -18.33 5.83
C GLY B 348 -13.89 -17.84 5.50
N THR B 349 -14.69 -17.52 6.51
CA THR B 349 -15.97 -16.85 6.28
C THR B 349 -16.17 -15.75 7.31
N LEU B 350 -16.99 -14.76 6.96
CA LEU B 350 -17.36 -13.74 7.94
C LEU B 350 -18.18 -14.32 9.07
N THR B 351 -19.07 -15.27 8.79
CA THR B 351 -19.85 -15.88 9.86
C THR B 351 -18.94 -16.50 10.93
N GLU B 352 -17.97 -17.30 10.50
CA GLU B 352 -17.08 -17.98 11.43
C GLU B 352 -16.17 -16.98 12.15
N THR B 353 -15.77 -15.93 11.45
CA THR B 353 -14.98 -14.87 12.04
C THR B 353 -15.75 -14.25 13.22
N PHE B 354 -16.99 -13.88 12.97
CA PHE B 354 -17.82 -13.28 14.00
C PHE B 354 -18.12 -14.25 15.14
N ASP B 355 -18.32 -15.53 14.82
CA ASP B 355 -18.47 -16.53 15.89
C ASP B 355 -17.24 -16.57 16.79
N ALA B 356 -16.06 -16.50 16.19
CA ALA B 356 -14.82 -16.53 16.99
C ALA B 356 -14.69 -15.30 17.87
N ILE B 357 -14.96 -14.14 17.29
CA ILE B 357 -14.92 -12.88 18.07
C ILE B 357 -15.89 -12.94 19.25
N GLU B 358 -17.11 -13.40 19.00
CA GLU B 358 -18.13 -13.52 20.02
C GLU B 358 -17.73 -14.51 21.13
N MET B 359 -17.20 -15.66 20.74
CA MET B 359 -16.73 -16.64 21.74
C MET B 359 -15.67 -16.03 22.65
N ALA B 360 -14.74 -15.31 22.03
CA ALA B 360 -13.68 -14.67 22.80
C ALA B 360 -14.26 -13.65 23.78
N GLN B 361 -15.12 -12.77 23.26
CA GLN B 361 -15.66 -11.69 24.07
C GLN B 361 -16.43 -12.24 25.27
N LYS B 362 -17.27 -13.25 25.03
CA LYS B 362 -18.07 -13.88 26.08
C LYS B 362 -17.25 -14.62 27.13
N ALA B 363 -16.00 -14.87 26.83
CA ALA B 363 -15.04 -15.42 27.79
C ALA B 363 -14.24 -14.35 28.50
N GLY B 364 -14.48 -13.08 28.22
CA GLY B 364 -13.67 -12.01 28.79
C GLY B 364 -12.33 -11.87 28.13
N TYR B 365 -12.16 -12.45 26.96
CA TYR B 365 -10.95 -12.27 26.16
C TYR B 365 -11.18 -11.11 25.21
N THR B 366 -10.09 -10.45 24.84
N THR B 366 -10.11 -10.44 24.85
CA THR B 366 -10.14 -9.51 23.72
CA THR B 366 -10.16 -9.50 23.73
C THR B 366 -9.98 -10.23 22.40
C THR B 366 -9.97 -10.23 22.40
N ALA B 367 -10.61 -9.68 21.36
CA ALA B 367 -10.48 -10.20 20.00
C ALA B 367 -9.77 -9.14 19.19
N VAL B 368 -8.54 -9.42 18.80
CA VAL B 368 -7.73 -8.43 18.07
C VAL B 368 -7.78 -8.77 16.59
N VAL B 369 -8.51 -7.94 15.85
CA VAL B 369 -8.68 -8.15 14.43
C VAL B 369 -7.35 -7.85 13.73
N SER B 370 -6.91 -8.73 12.86
CA SER B 370 -5.56 -8.68 12.33
C SER B 370 -5.40 -8.66 10.81
N HIS B 371 -4.37 -7.94 10.39
CA HIS B 371 -3.83 -8.06 9.02
C HIS B 371 -3.09 -9.39 8.82
N ARG B 372 -2.66 -9.62 7.58
CA ARG B 372 -1.67 -10.64 7.27
C ARG B 372 -0.45 -9.98 6.65
N SER B 373 0.64 -10.74 6.52
N SER B 373 0.66 -10.72 6.52
CA SER B 373 1.88 -10.25 5.89
CA SER B 373 1.86 -10.16 5.89
C SER B 373 1.62 -9.72 4.47
C SER B 373 1.60 -9.69 4.46
N GLY B 374 0.80 -10.46 3.72
CA GLY B 374 0.39 -10.06 2.37
C GLY B 374 -0.99 -9.44 2.49
N GLU B 375 -1.03 -8.12 2.36
CA GLU B 375 -2.29 -7.36 2.44
C GLU B 375 -2.69 -6.86 1.07
N THR B 376 -3.82 -6.16 1.03
CA THR B 376 -4.34 -5.59 -0.18
C THR B 376 -4.97 -4.25 0.14
N GLU B 377 -5.54 -3.64 -0.88
CA GLU B 377 -6.28 -2.38 -0.74
C GLU B 377 -7.64 -2.55 -0.05
N ASP B 378 -8.01 -3.79 0.25
CA ASP B 378 -9.22 -4.03 1.04
C ASP B 378 -9.07 -3.44 2.45
N THR B 379 -10.16 -2.86 2.97
CA THR B 379 -10.15 -2.29 4.32
C THR B 379 -11.24 -2.89 5.23
N THR B 380 -11.77 -4.05 4.86
CA THR B 380 -12.86 -4.66 5.60
C THR B 380 -12.52 -4.89 7.08
N ILE B 381 -11.28 -5.24 7.40
CA ILE B 381 -10.95 -5.49 8.82
C ILE B 381 -11.17 -4.27 9.71
N ALA B 382 -11.04 -3.05 9.18
CA ALA B 382 -11.36 -1.84 9.96
C ALA B 382 -12.82 -1.88 10.38
N ASP B 383 -13.69 -2.15 9.42
CA ASP B 383 -15.13 -2.21 9.74
C ASP B 383 -15.46 -3.36 10.68
N ILE B 384 -14.77 -4.50 10.56
CA ILE B 384 -15.01 -5.62 11.47
C ILE B 384 -14.66 -5.24 12.91
N ALA B 385 -13.55 -4.53 13.08
CA ALA B 385 -13.16 -4.10 14.42
C ALA B 385 -14.21 -3.20 15.07
N VAL B 386 -14.77 -2.29 14.29
CA VAL B 386 -15.78 -1.37 14.85
C VAL B 386 -17.13 -2.06 15.01
N ALA B 387 -17.47 -2.93 14.07
CA ALA B 387 -18.75 -3.65 14.12
C ALA B 387 -18.93 -4.43 15.41
N THR B 388 -17.84 -4.99 15.89
CA THR B 388 -17.84 -5.87 17.06
C THR B 388 -17.38 -5.15 18.32
N ASN B 389 -17.21 -3.84 18.23
CA ASN B 389 -16.65 -3.07 19.34
C ASN B 389 -15.47 -3.80 19.95
N ALA B 390 -14.59 -4.31 19.09
CA ALA B 390 -13.51 -5.19 19.54
C ALA B 390 -12.54 -4.47 20.49
N GLY B 391 -12.28 -3.21 20.18
CA GLY B 391 -11.44 -2.36 21.00
C GLY B 391 -9.96 -2.34 20.64
N GLN B 392 -9.52 -3.25 19.76
CA GLN B 392 -8.12 -3.35 19.33
C GLN B 392 -8.04 -3.81 17.90
N ILE B 393 -6.99 -3.41 17.21
CA ILE B 393 -6.70 -3.87 15.85
C ILE B 393 -5.19 -4.00 15.69
N LYS B 394 -4.76 -4.92 14.85
CA LYS B 394 -3.35 -5.07 14.50
C LYS B 394 -3.25 -5.05 12.99
N THR B 395 -2.88 -3.90 12.43
CA THR B 395 -2.91 -3.73 10.97
C THR B 395 -1.69 -3.01 10.39
N GLY B 396 -0.59 -2.97 11.13
CA GLY B 396 0.71 -2.64 10.56
C GLY B 396 1.36 -1.39 11.12
N SER B 397 2.49 -1.08 10.53
CA SER B 397 3.24 0.10 10.92
C SER B 397 2.64 1.34 10.25
N LEU B 398 3.38 2.44 10.25
CA LEU B 398 2.89 3.71 9.77
C LEU B 398 3.42 4.08 8.40
N SER B 399 3.73 3.06 7.61
CA SER B 399 3.99 3.27 6.18
C SER B 399 3.47 2.06 5.41
N ARG B 400 3.31 2.26 4.12
CA ARG B 400 2.74 1.32 3.12
C ARG B 400 1.23 1.42 3.14
N THR B 401 0.64 1.68 1.97
CA THR B 401 -0.82 1.81 1.90
C THR B 401 -1.54 0.51 2.24
N ASP B 402 -0.87 -0.64 2.10
CA ASP B 402 -1.46 -1.91 2.55
C ASP B 402 -1.84 -1.90 4.03
N ARG B 403 -1.16 -1.06 4.80
CA ARG B 403 -1.46 -0.81 6.20
C ARG B 403 -2.25 0.47 6.36
N ILE B 404 -1.74 1.56 5.80
CA ILE B 404 -2.33 2.87 5.99
C ILE B 404 -3.79 2.93 5.50
N ALA B 405 -4.13 2.20 4.45
CA ALA B 405 -5.55 2.20 4.00
C ALA B 405 -6.50 1.79 5.11
N LYS B 406 -6.09 0.87 5.97
CA LYS B 406 -6.96 0.50 7.10
C LYS B 406 -7.09 1.65 8.10
N TYR B 407 -5.97 2.30 8.42
CA TYR B 407 -6.01 3.43 9.31
C TYR B 407 -6.85 4.57 8.74
N ASN B 408 -6.76 4.82 7.43
CA ASN B 408 -7.60 5.83 6.78
C ASN B 408 -9.07 5.48 6.87
N GLN B 409 -9.39 4.19 6.69
CA GLN B 409 -10.79 3.78 6.83
C GLN B 409 -11.29 3.98 8.27
N LEU B 410 -10.45 3.71 9.26
CA LEU B 410 -10.80 4.00 10.66
C LEU B 410 -11.02 5.50 10.88
N LEU B 411 -10.20 6.33 10.25
CA LEU B 411 -10.47 7.78 10.29
C LEU B 411 -11.85 8.10 9.75
N ARG B 412 -12.22 7.47 8.64
CA ARG B 412 -13.52 7.75 8.04
C ARG B 412 -14.66 7.28 8.93
N ILE B 413 -14.47 6.12 9.56
CA ILE B 413 -15.47 5.58 10.44
C ILE B 413 -15.67 6.47 11.65
N GLU B 414 -14.57 6.91 12.26
CA GLU B 414 -14.68 7.81 13.40
C GLU B 414 -15.35 9.14 13.02
N ASP B 415 -15.00 9.67 11.85
CA ASP B 415 -15.58 10.91 11.33
C ASP B 415 -17.09 10.75 11.15
N GLU B 416 -17.47 9.64 10.54
CA GLU B 416 -18.89 9.37 10.26
C GLU B 416 -19.71 9.19 11.52
N LEU B 417 -19.11 8.53 12.50
CA LEU B 417 -19.78 8.31 13.78
C LEU B 417 -19.98 9.61 14.56
N PHE B 418 -19.12 10.58 14.29
CA PHE B 418 -19.21 11.91 14.89
C PHE B 418 -19.30 11.83 16.43
N GLU B 419 -20.35 12.39 17.02
CA GLU B 419 -20.45 12.45 18.48
C GLU B 419 -20.78 11.10 19.13
N THR B 420 -21.06 10.09 18.30
CA THR B 420 -21.36 8.74 18.80
C THR B 420 -20.12 7.84 18.88
N ALA B 421 -19.02 8.28 18.30
CA ALA B 421 -17.78 7.47 18.33
C ALA B 421 -17.25 7.36 19.75
N LYS B 422 -16.68 6.21 20.07
CA LYS B 422 -15.91 6.12 21.29
C LYS B 422 -14.56 5.45 21.09
N TYR B 423 -13.57 5.94 21.82
CA TYR B 423 -12.23 5.36 21.84
C TYR B 423 -11.96 5.19 23.31
N ASP B 424 -11.87 3.95 23.77
N ASP B 424 -11.88 3.96 23.77
CA ASP B 424 -11.83 3.64 25.20
CA ASP B 424 -11.84 3.67 25.20
C ASP B 424 -10.43 3.63 25.80
C ASP B 424 -10.45 3.64 25.80
N GLY B 425 -9.41 3.81 24.98
CA GLY B 425 -8.03 3.89 25.49
C GLY B 425 -7.70 2.67 26.33
N ILE B 426 -7.15 2.89 27.51
CA ILE B 426 -6.74 1.79 28.38
C ILE B 426 -7.91 0.90 28.81
N LYS B 427 -9.10 1.46 28.88
CA LYS B 427 -10.29 0.67 29.21
C LYS B 427 -10.69 -0.32 28.13
N SER B 428 -10.06 -0.20 26.96
CA SER B 428 -10.22 -1.23 25.94
C SER B 428 -9.76 -2.60 26.42
N PHE B 429 -8.83 -2.63 27.37
CA PHE B 429 -8.27 -3.87 27.89
C PHE B 429 -9.13 -4.41 29.02
N TYR B 430 -10.36 -4.73 28.68
CA TYR B 430 -11.35 -5.23 29.64
C TYR B 430 -11.01 -6.63 30.15
N ASN B 431 -10.04 -7.26 29.49
CA ASN B 431 -9.52 -8.56 29.86
C ASN B 431 -8.52 -8.49 31.02
N LEU B 432 -8.06 -7.30 31.36
CA LEU B 432 -7.05 -7.08 32.41
C LEU B 432 -7.66 -6.44 33.68
N ASP B 433 -7.12 -6.77 34.84
CA ASP B 433 -7.67 -6.20 36.07
C ASP B 433 -6.61 -5.61 36.99
#